data_7Y6I
#
_entry.id   7Y6I
#
_cell.length_a   1.00
_cell.length_b   1.00
_cell.length_c   1.00
_cell.angle_alpha   90.00
_cell.angle_beta   90.00
_cell.angle_gamma   90.00
#
_symmetry.space_group_name_H-M   'P 1'
#
loop_
_entity.id
_entity.type
_entity.pdbx_description
1 polymer 'Solute carrier family 12 member 3'
2 branched 2-acetamido-2-deoxy-beta-D-glucopyranose-(1-4)-2-acetamido-2-deoxy-beta-D-glucopyranose
3 non-polymer 'CHLORIDE ION'
4 non-polymer 'SODIUM ION'
5 non-polymer 'CHOLESTEROL HEMISUCCINATE'
6 non-polymer 1-O-OCTADECYL-SN-GLYCERO-3-PHOSPHOCHOLINE
7 non-polymer '(2S)-3-(hexadecanoyloxy)-2-[(9Z)-octadec-9-enoyloxy]propyl 2-(trimethylammonio)ethyl phosphate'
8 non-polymer 2-acetamido-2-deoxy-beta-D-glucopyranose
9 water water
#
_entity_poly.entity_id   1
_entity_poly.type   'polypeptide(L)'
_entity_poly.pdbx_seq_one_letter_code
;MAELPTTETPGDATLCSGRFTISTLLSSDEPSPPAAYDSSHPSHLTHSSTFCMRTFGYNTIDVVPTYEHYANSTQPGEPR
KVRPTLADLHSFLKEGRHLHALAFDSRPSHEMTDGLVEGEAGTSSEKNPEEPVRFGWVKGVMIRCMLNIWGVILYLRLPW
ITAQAGIVLTWIIILLSVTVTSITGLSISAISTNGKVKSGGTYFLISRSLGPELGGSIGLIFAFANAVGVAMHTVGFAET
VRDLLQEYGAPIVDPINDIRIIGVVSVTVLLAISLAGMEWESKAQVLFFLVIMVSFANYLVGTLIPPSEDKASKGFFSYR
ADIFVQNLVPDWRGPDGTFFGMFSIFFPSATGILAGANISGDLKDPAIAIPKGTLMAIFWTTISYLAISATIGSCVVRDA
SGVLNDTVTPGWGACEGLACSYGWNFTECTQQHSCHYGLINYYQTMSMVSGFAPLITAGIFGATLSSALACLVSAAKVFQ
CLCEDQLYPLIGFFGKGYGKNKEPVRGYLLAYAIAVAFIIIAELNTIAPIISNFFLCSYALINFSCFHASITNSPGWRPS
FQYYNKWAALFGAIISVVIMFLLTWWAALIAIGVVLFLLLYVIYKKPEVNWGSSVQAGSYNLALSYSVGLNEVEDHIKNY
RPQCLVLTGPPNFRPALVDFVGTFTRNLSLMICGHVLIGPHKQRMPELQLIANGHTKWLNKRKIKAFYSDVIAEDLRRGV
QILMQAAGLGRMKPNILVVGFKKNWQSAHPATVEDYIGILHDAFDFNYGVCVMRMREGLNVSKMMQAHINPVFDPAEDGK
EASARVDPKALVKEEQATTIFQSEQGKKTIDIYWLFDDGGLTLLIPYLLGRKRRWSKCKIRVFVGGQINRMDQERKAIIS
LLSKFRLGFHEVHILPDINQNPRAEHTKRFEDMIAPFRLNDGFKDEATVNEMRRDCPWKISDEEITKNRVKSLRQVRLNE
IVLDYSRDAALIVITLPIGRKGKCPSSLYMAWLETLSQDLRPPVILIRGNQENVLTFYCQLEGSDEVDAGSHHHHHHHHH
HGSVEDYKDDDDK
;
_entity_poly.pdbx_strand_id   A,B
#
# COMPACT_ATOMS: atom_id res chain seq x y z
N GLY A 136 14.21 -36.86 18.84
CA GLY A 136 14.16 -36.00 20.02
C GLY A 136 13.85 -34.56 19.68
N TRP A 137 14.06 -33.66 20.65
CA TRP A 137 13.81 -32.24 20.46
C TRP A 137 15.04 -31.48 20.00
N VAL A 138 16.24 -31.97 20.28
CA VAL A 138 17.45 -31.24 19.94
C VAL A 138 17.73 -31.41 18.45
N LYS A 139 18.07 -32.64 18.05
CA LYS A 139 18.41 -32.90 16.65
C LYS A 139 17.15 -32.94 15.79
N GLY A 140 16.07 -33.51 16.32
CA GLY A 140 14.85 -33.63 15.54
C GLY A 140 14.24 -32.27 15.20
N VAL A 141 14.18 -31.37 16.19
CA VAL A 141 13.44 -30.12 16.06
C VAL A 141 14.38 -28.92 15.98
N MET A 142 15.24 -28.74 16.98
CA MET A 142 15.97 -27.47 17.07
C MET A 142 16.99 -27.37 15.95
N ILE A 143 17.73 -28.44 15.68
CA ILE A 143 18.73 -28.43 14.62
C ILE A 143 18.06 -28.31 13.25
N ARG A 144 16.90 -28.93 13.09
CA ARG A 144 16.16 -28.84 11.85
C ARG A 144 15.73 -27.42 11.59
N CYS A 145 15.23 -26.75 12.62
CA CYS A 145 14.87 -25.34 12.47
C CYS A 145 16.10 -24.46 12.26
N MET A 146 17.21 -24.81 12.90
CA MET A 146 18.46 -24.07 12.74
C MET A 146 18.92 -24.09 11.29
N LEU A 147 18.97 -25.28 10.68
CA LEU A 147 19.49 -25.42 9.33
C LEU A 147 18.62 -24.73 8.30
N ASN A 148 17.33 -24.57 8.58
CA ASN A 148 16.41 -23.87 7.69
C ASN A 148 16.40 -22.37 7.90
N ILE A 149 16.58 -21.91 9.15
CA ILE A 149 16.70 -20.48 9.40
C ILE A 149 18.01 -19.93 8.87
N TRP A 150 19.13 -20.61 9.13
CA TRP A 150 20.42 -20.17 8.64
C TRP A 150 20.48 -20.37 7.13
N GLY A 151 20.80 -19.32 6.39
CA GLY A 151 20.77 -19.38 4.95
C GLY A 151 21.82 -18.56 4.25
N VAL A 152 21.40 -17.83 3.22
CA VAL A 152 22.36 -17.13 2.36
C VAL A 152 22.61 -15.71 2.86
N ILE A 153 21.55 -15.03 3.32
CA ILE A 153 21.68 -13.65 3.77
C ILE A 153 22.60 -13.55 4.97
N LEU A 154 22.72 -14.65 5.73
CA LEU A 154 23.62 -14.67 6.88
C LEU A 154 25.07 -14.47 6.46
N TYR A 155 25.46 -15.06 5.32
CA TYR A 155 26.84 -15.02 4.86
C TYR A 155 27.11 -13.92 3.83
N LEU A 156 26.11 -13.54 3.04
CA LEU A 156 26.36 -12.67 1.89
C LEU A 156 25.84 -11.25 2.03
N ARG A 157 24.77 -11.04 2.79
CA ARG A 157 24.17 -9.71 2.86
C ARG A 157 24.13 -9.12 4.26
N LEU A 158 24.31 -9.92 5.31
CA LEU A 158 24.30 -9.37 6.66
C LEU A 158 25.44 -8.38 6.89
N PRO A 159 26.67 -8.67 6.47
CA PRO A 159 27.73 -7.64 6.59
C PRO A 159 27.41 -6.37 5.82
N TRP A 160 26.73 -6.49 4.67
CA TRP A 160 26.37 -5.33 3.86
C TRP A 160 25.20 -4.56 4.45
N ILE A 161 24.23 -5.25 5.06
CA ILE A 161 23.18 -4.58 5.81
C ILE A 161 23.77 -3.84 7.00
N THR A 162 24.71 -4.47 7.72
CA THR A 162 25.42 -3.81 8.80
C THR A 162 26.22 -2.61 8.32
N ALA A 163 26.62 -2.56 7.05
CA ALA A 163 27.35 -1.43 6.51
C ALA A 163 26.44 -0.28 6.11
N GLN A 164 25.34 -0.56 5.42
CA GLN A 164 24.43 0.51 5.01
C GLN A 164 23.55 1.03 6.15
N ALA A 165 23.13 0.17 7.06
CA ALA A 165 22.24 0.59 8.13
C ALA A 165 22.95 0.85 9.45
N GLY A 166 24.20 0.45 9.59
CA GLY A 166 24.91 0.57 10.85
C GLY A 166 24.54 -0.54 11.81
N ILE A 167 25.32 -0.63 12.89
CA ILE A 167 25.11 -1.71 13.85
C ILE A 167 23.81 -1.52 14.63
N VAL A 168 23.49 -0.29 15.02
CA VAL A 168 22.28 -0.05 15.83
C VAL A 168 21.03 -0.39 15.02
N LEU A 169 20.92 0.14 13.81
CA LEU A 169 19.73 -0.13 13.01
C LEU A 169 19.71 -1.56 12.47
N THR A 170 20.88 -2.18 12.25
CA THR A 170 20.87 -3.60 11.89
C THR A 170 20.36 -4.45 13.03
N TRP A 171 20.78 -4.15 14.27
CA TRP A 171 20.22 -4.84 15.43
C TRP A 171 18.73 -4.58 15.57
N ILE A 172 18.27 -3.37 15.30
CA ILE A 172 16.85 -3.07 15.35
C ILE A 172 16.10 -3.88 14.29
N ILE A 173 16.66 -4.01 13.10
CA ILE A 173 16.04 -4.82 12.05
C ILE A 173 15.97 -6.29 12.48
N ILE A 174 17.07 -6.80 13.03
CA ILE A 174 17.11 -8.19 13.47
C ILE A 174 16.07 -8.44 14.55
N LEU A 175 15.99 -7.55 15.53
CA LEU A 175 15.04 -7.70 16.62
C LEU A 175 13.60 -7.51 16.16
N LEU A 176 13.34 -6.64 15.19
CA LEU A 176 12.00 -6.47 14.65
C LEU A 176 11.54 -7.68 13.85
N SER A 177 12.44 -8.31 13.07
CA SER A 177 12.12 -9.57 12.42
C SER A 177 11.92 -10.70 13.41
N VAL A 178 12.75 -10.75 14.45
CA VAL A 178 12.64 -11.79 15.47
C VAL A 178 11.38 -11.64 16.30
N THR A 179 10.90 -10.42 16.52
CA THR A 179 9.61 -10.24 17.18
C THR A 179 8.51 -10.93 16.42
N VAL A 180 8.43 -10.70 15.11
CA VAL A 180 7.43 -11.34 14.28
C VAL A 180 7.60 -12.85 14.29
N THR A 181 8.81 -13.34 14.10
CA THR A 181 9.02 -14.79 14.03
C THR A 181 8.78 -15.49 15.36
N SER A 182 9.09 -14.85 16.49
CA SER A 182 8.84 -15.43 17.80
C SER A 182 7.36 -15.39 18.17
N ILE A 183 6.66 -14.32 17.81
CA ILE A 183 5.21 -14.32 18.02
C ILE A 183 4.55 -15.38 17.15
N THR A 184 5.04 -15.60 15.93
CA THR A 184 4.54 -16.69 15.11
C THR A 184 4.90 -18.05 15.70
N GLY A 185 6.10 -18.18 16.27
CA GLY A 185 6.50 -19.41 16.91
C GLY A 185 5.67 -19.77 18.13
N LEU A 186 5.24 -18.77 18.90
CA LEU A 186 4.32 -19.04 20.00
C LEU A 186 2.99 -19.59 19.50
N SER A 187 2.44 -19.02 18.42
CA SER A 187 1.21 -19.55 17.84
C SER A 187 1.42 -20.95 17.29
N ILE A 188 2.57 -21.20 16.67
CA ILE A 188 2.88 -22.51 16.12
C ILE A 188 3.00 -23.54 17.24
N SER A 189 3.62 -23.16 18.35
CA SER A 189 3.69 -24.01 19.54
C SER A 189 2.32 -24.28 20.13
N ALA A 190 1.45 -23.28 20.15
CA ALA A 190 0.07 -23.51 20.59
C ALA A 190 -0.65 -24.49 19.67
N ILE A 191 -0.41 -24.38 18.36
CA ILE A 191 -1.01 -25.32 17.41
C ILE A 191 -0.51 -26.73 17.67
N SER A 192 0.80 -26.88 17.91
CA SER A 192 1.37 -28.20 18.14
C SER A 192 0.89 -28.85 19.43
N THR A 193 0.46 -28.06 20.41
CA THR A 193 -0.05 -28.58 21.67
C THR A 193 -1.57 -28.72 21.68
N ASN A 194 -2.24 -28.42 20.57
CA ASN A 194 -3.69 -28.46 20.51
C ASN A 194 -4.15 -29.85 20.12
N GLY A 195 -4.95 -30.47 20.98
CA GLY A 195 -5.43 -31.82 20.71
C GLY A 195 -4.30 -32.81 20.62
N LYS A 196 -4.37 -33.68 19.61
CA LYS A 196 -3.33 -34.69 19.40
C LYS A 196 -3.39 -35.13 17.94
N VAL A 197 -2.35 -34.82 17.18
CA VAL A 197 -2.24 -35.23 15.79
C VAL A 197 -1.06 -36.17 15.65
N LYS A 198 -1.30 -37.32 15.03
CA LYS A 198 -0.31 -38.38 14.92
C LYS A 198 0.42 -38.41 13.58
N SER A 199 -0.21 -37.93 12.51
CA SER A 199 0.41 -37.99 11.18
C SER A 199 1.40 -36.86 10.95
N GLY A 200 1.10 -35.66 11.44
CA GLY A 200 2.01 -34.54 11.27
C GLY A 200 1.88 -33.85 9.93
N GLY A 201 2.73 -32.85 9.74
CA GLY A 201 2.69 -32.01 8.57
C GLY A 201 2.24 -30.60 8.91
N THR A 202 2.87 -29.60 8.29
CA THR A 202 2.51 -28.22 8.59
C THR A 202 1.07 -27.92 8.19
N TYR A 203 0.72 -28.21 6.94
CA TYR A 203 -0.64 -27.93 6.48
C TYR A 203 -1.65 -28.75 7.26
N PHE A 204 -1.36 -30.01 7.52
CA PHE A 204 -2.30 -30.86 8.26
C PHE A 204 -2.54 -30.31 9.66
N LEU A 205 -1.46 -29.96 10.38
CA LEU A 205 -1.62 -29.39 11.71
C LEU A 205 -2.44 -28.10 11.67
N ILE A 206 -2.06 -27.17 10.79
CA ILE A 206 -2.71 -25.87 10.77
C ILE A 206 -4.18 -26.01 10.39
N SER A 207 -4.48 -26.81 9.37
CA SER A 207 -5.85 -26.96 8.91
C SER A 207 -6.72 -27.71 9.90
N ARG A 208 -6.20 -28.74 10.56
CA ARG A 208 -7.00 -29.47 11.54
C ARG A 208 -7.18 -28.68 12.82
N SER A 209 -6.26 -27.77 13.13
CA SER A 209 -6.38 -26.98 14.36
C SER A 209 -7.13 -25.68 14.14
N LEU A 210 -7.10 -25.12 12.93
CA LEU A 210 -7.62 -23.79 12.68
C LEU A 210 -8.79 -23.72 11.71
N GLY A 211 -8.94 -24.68 10.80
CA GLY A 211 -10.08 -24.71 9.92
C GLY A 211 -9.72 -24.81 8.45
N PRO A 212 -10.71 -25.11 7.61
CA PRO A 212 -10.42 -25.30 6.18
C PRO A 212 -10.09 -24.01 5.46
N GLU A 213 -10.77 -22.90 5.77
CA GLU A 213 -10.53 -21.66 5.03
C GLU A 213 -9.16 -21.08 5.34
N LEU A 214 -8.91 -20.76 6.62
CA LEU A 214 -7.62 -20.20 7.01
C LEU A 214 -6.49 -21.20 6.77
N GLY A 215 -6.73 -22.47 7.08
CA GLY A 215 -5.72 -23.49 6.84
C GLY A 215 -5.36 -23.64 5.38
N GLY A 216 -6.36 -23.62 4.49
CA GLY A 216 -6.10 -23.69 3.07
C GLY A 216 -5.40 -22.47 2.50
N SER A 217 -5.72 -21.28 3.01
CA SER A 217 -4.97 -20.10 2.59
C SER A 217 -3.52 -20.17 3.05
N ILE A 218 -3.29 -20.59 4.30
CA ILE A 218 -1.93 -20.68 4.82
C ILE A 218 -1.13 -21.73 4.06
N GLY A 219 -1.71 -22.90 3.84
CA GLY A 219 -1.00 -23.97 3.16
C GLY A 219 -0.67 -23.70 1.71
N LEU A 220 -1.27 -22.67 1.12
CA LEU A 220 -0.94 -22.27 -0.24
C LEU A 220 0.02 -21.09 -0.29
N ILE A 221 -0.21 -20.05 0.51
CA ILE A 221 0.76 -18.97 0.59
C ILE A 221 2.11 -19.44 1.11
N PHE A 222 2.12 -20.30 2.13
CA PHE A 222 3.37 -20.87 2.66
C PHE A 222 4.07 -21.73 1.62
N ALA A 223 3.31 -22.52 0.84
CA ALA A 223 3.92 -23.33 -0.20
C ALA A 223 4.57 -22.46 -1.27
N PHE A 224 3.90 -21.38 -1.68
CA PHE A 224 4.50 -20.49 -2.67
C PHE A 224 5.74 -19.80 -2.11
N ALA A 225 5.67 -19.38 -0.83
CA ALA A 225 6.82 -18.74 -0.21
C ALA A 225 8.01 -19.68 -0.14
N ASN A 226 7.79 -20.94 0.21
CA ASN A 226 8.85 -21.93 0.20
C ASN A 226 9.38 -22.22 -1.20
N ALA A 227 8.52 -22.20 -2.21
CA ALA A 227 8.98 -22.37 -3.58
C ALA A 227 9.90 -21.22 -4.02
N VAL A 228 9.59 -19.99 -3.62
CA VAL A 228 10.48 -18.88 -3.94
C VAL A 228 11.74 -18.89 -3.07
N GLY A 229 11.67 -19.44 -1.86
CA GLY A 229 12.86 -19.58 -1.03
C GLY A 229 13.91 -20.46 -1.67
N VAL A 230 13.48 -21.51 -2.38
CA VAL A 230 14.41 -22.33 -3.14
C VAL A 230 15.16 -21.47 -4.15
N ALA A 231 14.44 -20.60 -4.86
CA ALA A 231 15.07 -19.72 -5.82
C ALA A 231 16.09 -18.80 -5.15
N MET A 232 15.73 -18.24 -3.99
CA MET A 232 16.65 -17.33 -3.32
C MET A 232 17.92 -18.04 -2.86
N HIS A 233 17.79 -19.18 -2.19
CA HIS A 233 18.96 -19.91 -1.72
C HIS A 233 19.80 -20.46 -2.86
N THR A 234 19.16 -20.92 -3.94
CA THR A 234 19.92 -21.37 -5.10
C THR A 234 20.64 -20.21 -5.78
N VAL A 235 20.03 -19.02 -5.81
CA VAL A 235 20.70 -17.85 -6.36
C VAL A 235 21.90 -17.48 -5.51
N GLY A 236 21.77 -17.56 -4.18
CA GLY A 236 22.92 -17.31 -3.32
C GLY A 236 24.05 -18.31 -3.53
N PHE A 237 23.71 -19.59 -3.63
CA PHE A 237 24.72 -20.61 -3.91
C PHE A 237 25.38 -20.36 -5.26
N ALA A 238 24.58 -19.98 -6.27
CA ALA A 238 25.11 -19.70 -7.60
C ALA A 238 26.03 -18.48 -7.57
N GLU A 239 25.67 -17.47 -6.78
CA GLU A 239 26.53 -16.29 -6.66
C GLU A 239 27.86 -16.65 -6.00
N THR A 240 27.82 -17.49 -4.97
CA THR A 240 29.07 -17.93 -4.35
C THR A 240 29.93 -18.72 -5.34
N VAL A 241 29.30 -19.61 -6.12
CA VAL A 241 30.05 -20.37 -7.11
C VAL A 241 30.62 -19.45 -8.18
N ARG A 242 29.85 -18.43 -8.58
CA ARG A 242 30.32 -17.48 -9.59
C ARG A 242 31.53 -16.71 -9.08
N ASP A 243 31.50 -16.28 -7.82
CA ASP A 243 32.65 -15.60 -7.23
C ASP A 243 33.86 -16.52 -7.18
N LEU A 244 33.64 -17.79 -6.83
CA LEU A 244 34.73 -18.76 -6.83
C LEU A 244 35.33 -18.91 -8.23
N LEU A 245 34.48 -18.96 -9.25
CA LEU A 245 34.97 -19.06 -10.62
C LEU A 245 35.75 -17.82 -11.02
N GLN A 246 35.26 -16.64 -10.62
CA GLN A 246 35.95 -15.41 -10.96
C GLN A 246 37.34 -15.34 -10.32
N GLU A 247 37.44 -15.72 -9.06
CA GLU A 247 38.73 -15.65 -8.39
C GLU A 247 39.65 -16.79 -8.84
N TYR A 248 39.08 -17.96 -9.10
CA TYR A 248 39.84 -19.14 -9.52
C TYR A 248 39.34 -19.59 -10.89
N GLY A 249 40.09 -19.24 -11.93
CA GLY A 249 39.76 -19.65 -13.28
C GLY A 249 39.16 -18.51 -14.08
N ALA A 250 38.14 -18.81 -14.88
CA ALA A 250 37.50 -17.84 -15.75
C ALA A 250 35.99 -17.97 -15.61
N PRO A 251 35.25 -16.88 -15.81
CA PRO A 251 33.79 -16.96 -15.78
C PRO A 251 33.24 -17.61 -17.03
N ILE A 252 31.95 -17.96 -16.96
CA ILE A 252 31.33 -18.69 -18.07
C ILE A 252 30.92 -17.72 -19.18
N VAL A 253 29.91 -16.89 -18.92
CA VAL A 253 29.42 -15.98 -19.94
C VAL A 253 29.45 -14.55 -19.42
N ASP A 254 28.83 -14.33 -18.26
CA ASP A 254 28.56 -12.98 -17.76
C ASP A 254 28.27 -13.12 -16.28
N PRO A 255 28.74 -12.18 -15.45
CA PRO A 255 28.53 -12.34 -14.00
C PRO A 255 27.07 -12.52 -13.58
N ILE A 256 26.12 -11.99 -14.34
CA ILE A 256 24.71 -12.23 -14.03
C ILE A 256 24.20 -13.48 -14.75
N ASN A 257 24.60 -13.65 -16.01
CA ASN A 257 24.23 -14.86 -16.73
C ASN A 257 24.88 -16.11 -16.14
N ASP A 258 26.10 -15.98 -15.61
CA ASP A 258 26.70 -17.10 -14.88
C ASP A 258 25.89 -17.46 -13.66
N ILE A 259 25.39 -16.46 -12.92
CA ILE A 259 24.51 -16.74 -11.80
C ILE A 259 23.26 -17.48 -12.26
N ARG A 260 22.65 -17.03 -13.37
CA ARG A 260 21.47 -17.71 -13.88
C ARG A 260 21.76 -19.16 -14.23
N ILE A 261 22.86 -19.40 -14.95
CA ILE A 261 23.17 -20.76 -15.40
C ILE A 261 23.44 -21.66 -14.20
N ILE A 262 24.27 -21.19 -13.25
CA ILE A 262 24.61 -22.02 -12.10
C ILE A 262 23.39 -22.26 -11.23
N GLY A 263 22.52 -21.26 -11.10
CA GLY A 263 21.30 -21.44 -10.32
C GLY A 263 20.38 -22.47 -10.93
N VAL A 264 20.20 -22.41 -12.26
CA VAL A 264 19.35 -23.40 -12.92
C VAL A 264 19.94 -24.80 -12.76
N VAL A 265 21.24 -24.95 -12.96
CA VAL A 265 21.85 -26.26 -12.83
C VAL A 265 21.74 -26.78 -11.39
N SER A 266 22.00 -25.92 -10.41
CA SER A 266 21.94 -26.34 -9.01
C SER A 266 20.53 -26.69 -8.58
N VAL A 267 19.52 -25.93 -9.03
CA VAL A 267 18.15 -26.25 -8.68
C VAL A 267 17.69 -27.53 -9.38
N THR A 268 18.20 -27.79 -10.59
CA THR A 268 17.93 -29.09 -11.22
C THR A 268 18.54 -30.24 -10.43
N VAL A 269 19.76 -30.05 -9.93
CA VAL A 269 20.40 -31.08 -9.10
C VAL A 269 19.62 -31.28 -7.81
N LEU A 270 19.13 -30.18 -7.21
CA LEU A 270 18.33 -30.29 -6.00
C LEU A 270 17.03 -31.05 -6.28
N LEU A 271 16.38 -30.77 -7.40
CA LEU A 271 15.18 -31.51 -7.77
C LEU A 271 15.48 -32.99 -7.96
N ALA A 272 16.59 -33.31 -8.62
CA ALA A 272 16.97 -34.70 -8.81
C ALA A 272 17.21 -35.40 -7.48
N ILE A 273 17.86 -34.71 -6.54
CA ILE A 273 18.09 -35.28 -5.22
C ILE A 273 16.78 -35.50 -4.50
N SER A 274 15.87 -34.52 -4.58
CA SER A 274 14.59 -34.63 -3.88
C SER A 274 13.75 -35.78 -4.42
N LEU A 275 13.70 -35.93 -5.74
CA LEU A 275 12.87 -36.99 -6.33
C LEU A 275 13.41 -38.37 -5.98
N ALA A 276 14.71 -38.59 -6.18
CA ALA A 276 15.34 -39.87 -5.91
C ALA A 276 16.66 -39.63 -5.18
N GLY A 277 16.76 -40.14 -3.95
CA GLY A 277 17.97 -39.98 -3.18
C GLY A 277 17.77 -39.23 -1.88
N MET A 278 16.56 -39.32 -1.31
CA MET A 278 16.23 -38.63 -0.08
C MET A 278 16.36 -39.52 1.16
N GLU A 279 17.29 -40.46 1.15
CA GLU A 279 17.51 -41.33 2.29
C GLU A 279 18.76 -40.97 3.09
N TRP A 280 19.61 -40.10 2.57
CA TRP A 280 20.82 -39.67 3.26
C TRP A 280 20.62 -38.41 4.07
N GLU A 281 19.38 -38.14 4.53
CA GLU A 281 19.08 -36.82 5.08
C GLU A 281 19.66 -36.62 6.47
N SER A 282 19.73 -37.66 7.30
CA SER A 282 20.36 -37.51 8.60
C SER A 282 21.85 -37.18 8.45
N LYS A 283 22.55 -37.90 7.57
CA LYS A 283 23.96 -37.61 7.32
C LYS A 283 24.14 -36.22 6.73
N ALA A 284 23.25 -35.82 5.82
CA ALA A 284 23.33 -34.48 5.26
C ALA A 284 23.11 -33.41 6.32
N GLN A 285 22.14 -33.64 7.21
CA GLN A 285 21.89 -32.70 8.30
C GLN A 285 23.09 -32.56 9.20
N VAL A 286 23.70 -33.69 9.60
CA VAL A 286 24.91 -33.63 10.42
C VAL A 286 26.05 -32.90 9.71
N LEU A 287 26.31 -33.22 8.44
CA LEU A 287 27.37 -32.56 7.71
C LEU A 287 27.14 -31.06 7.56
N PHE A 288 25.90 -30.66 7.25
CA PHE A 288 25.59 -29.25 7.09
C PHE A 288 25.75 -28.50 8.40
N PHE A 289 25.22 -29.06 9.49
CA PHE A 289 25.35 -28.38 10.78
C PHE A 289 26.82 -28.27 11.19
N LEU A 290 27.61 -29.33 11.02
CA LEU A 290 29.02 -29.27 11.35
C LEU A 290 29.78 -28.28 10.48
N VAL A 291 29.47 -28.21 9.18
CA VAL A 291 30.16 -27.26 8.32
C VAL A 291 29.79 -25.81 8.64
N ILE A 292 28.54 -25.55 9.04
CA ILE A 292 28.18 -24.20 9.47
C ILE A 292 28.84 -23.84 10.79
N MET A 293 28.92 -24.80 11.72
CA MET A 293 29.64 -24.55 12.97
C MET A 293 31.11 -24.24 12.69
N VAL A 294 31.73 -25.00 11.79
CA VAL A 294 33.13 -24.78 11.45
C VAL A 294 33.30 -23.42 10.80
N SER A 295 32.38 -23.03 9.92
CA SER A 295 32.47 -21.71 9.29
C SER A 295 32.36 -20.60 10.32
N PHE A 296 31.43 -20.72 11.27
CA PHE A 296 31.30 -19.71 12.33
C PHE A 296 32.58 -19.63 13.16
N ALA A 297 33.11 -20.77 13.57
CA ALA A 297 34.32 -20.78 14.39
C ALA A 297 35.51 -20.20 13.64
N ASN A 298 35.63 -20.53 12.36
CA ASN A 298 36.77 -20.03 11.58
C ASN A 298 36.65 -18.53 11.33
N TYR A 299 35.44 -18.04 11.09
CA TYR A 299 35.23 -16.61 10.95
C TYR A 299 35.61 -15.88 12.24
N LEU A 300 35.14 -16.39 13.38
CA LEU A 300 35.45 -15.73 14.64
C LEU A 300 36.94 -15.81 14.98
N VAL A 301 37.61 -16.89 14.58
CA VAL A 301 39.04 -17.01 14.81
C VAL A 301 39.83 -16.06 13.92
N GLY A 302 39.50 -15.97 12.63
CA GLY A 302 40.21 -15.10 11.72
C GLY A 302 39.93 -13.63 11.96
N THR A 303 38.79 -13.34 12.57
CA THR A 303 38.47 -11.95 12.92
C THR A 303 39.43 -11.43 13.99
N LEU A 304 39.81 -12.28 14.94
CA LEU A 304 40.70 -11.85 16.02
C LEU A 304 42.14 -11.72 15.53
N ILE A 305 42.46 -12.37 14.41
CA ILE A 305 43.85 -12.34 13.91
C ILE A 305 44.22 -10.93 13.51
N PRO A 306 45.44 -10.45 13.84
CA PRO A 306 45.79 -9.10 13.40
C PRO A 306 45.82 -9.09 11.87
N PRO A 307 45.32 -8.01 11.24
CA PRO A 307 45.24 -7.91 9.77
C PRO A 307 46.56 -8.01 9.03
N SER A 308 46.53 -8.69 7.89
CA SER A 308 47.72 -8.82 7.04
C SER A 308 47.70 -7.69 6.03
N GLU A 309 48.66 -7.67 5.12
CA GLU A 309 48.68 -6.56 4.17
C GLU A 309 47.48 -6.60 3.24
N ASP A 310 47.14 -7.80 2.75
CA ASP A 310 46.01 -7.94 1.84
C ASP A 310 44.69 -7.63 2.55
N LYS A 311 44.50 -8.20 3.75
CA LYS A 311 43.27 -7.94 4.48
C LYS A 311 43.14 -6.47 4.86
N ALA A 312 44.25 -5.85 5.28
CA ALA A 312 44.21 -4.44 5.61
C ALA A 312 43.89 -3.59 4.38
N SER A 313 44.44 -3.98 3.22
CA SER A 313 44.09 -3.29 1.99
C SER A 313 42.60 -3.40 1.68
N LYS A 314 42.04 -4.60 1.87
CA LYS A 314 40.63 -4.81 1.61
C LYS A 314 39.72 -4.20 2.67
N GLY A 315 40.27 -3.68 3.77
CA GLY A 315 39.50 -2.92 4.74
C GLY A 315 39.38 -3.53 6.12
N PHE A 316 40.07 -4.63 6.40
CA PHE A 316 39.96 -5.33 7.67
C PHE A 316 41.13 -4.93 8.56
N PHE A 317 40.81 -4.41 9.76
CA PHE A 317 41.84 -4.00 10.71
C PHE A 317 41.60 -4.60 12.10
N SER A 318 41.22 -5.86 12.15
CA SER A 318 40.90 -6.58 13.41
C SER A 318 39.82 -5.82 14.17
N TYR A 319 39.93 -5.65 15.48
CA TYR A 319 38.94 -4.91 16.27
C TYR A 319 39.50 -3.53 16.61
N ARG A 320 38.70 -2.50 16.39
CA ARG A 320 39.08 -1.14 16.71
C ARG A 320 37.83 -0.34 17.07
N ALA A 321 37.95 0.50 18.10
CA ALA A 321 36.79 1.26 18.57
C ALA A 321 36.37 2.31 17.55
N ASP A 322 37.33 2.88 16.83
CA ASP A 322 37.00 3.91 15.85
C ASP A 322 36.12 3.37 14.74
N ILE A 323 36.44 2.18 14.23
CA ILE A 323 35.59 1.55 13.23
C ILE A 323 34.22 1.20 13.77
N PHE A 324 34.14 0.73 15.03
CA PHE A 324 32.85 0.46 15.65
C PHE A 324 31.99 1.72 15.72
N VAL A 325 32.58 2.83 16.16
CA VAL A 325 31.84 4.08 16.28
C VAL A 325 31.41 4.58 14.90
N GLN A 326 32.30 4.47 13.90
CA GLN A 326 31.94 4.92 12.56
C GLN A 326 30.82 4.07 11.96
N ASN A 327 30.83 2.77 12.22
CA ASN A 327 29.83 1.86 11.66
C ASN A 327 28.59 1.76 12.54
N LEU A 328 28.53 2.47 13.66
CA LEU A 328 27.32 2.53 14.47
C LEU A 328 26.20 3.32 13.81
N VAL A 329 26.49 4.06 12.73
CA VAL A 329 25.52 4.96 12.11
C VAL A 329 25.31 4.56 10.65
N PRO A 330 24.16 4.86 10.06
CA PRO A 330 23.88 4.39 8.70
C PRO A 330 24.75 5.08 7.65
N ASP A 331 24.73 4.51 6.45
CA ASP A 331 25.34 5.10 5.27
C ASP A 331 24.36 5.31 4.12
N TRP A 332 23.47 4.35 3.88
CA TRP A 332 22.37 4.51 2.93
C TRP A 332 22.86 4.82 1.52
N ARG A 333 23.58 3.86 0.92
CA ARG A 333 23.99 4.01 -0.46
C ARG A 333 23.15 3.12 -1.37
N GLY A 334 23.08 3.51 -2.64
CA GLY A 334 22.41 2.71 -3.65
C GLY A 334 20.91 2.85 -3.61
N PRO A 335 20.23 2.21 -4.56
CA PRO A 335 18.75 2.26 -4.59
C PRO A 335 18.10 1.58 -3.40
N ASP A 336 18.73 0.56 -2.83
CA ASP A 336 18.16 -0.19 -1.72
C ASP A 336 18.51 0.39 -0.36
N GLY A 337 19.26 1.50 -0.32
CA GLY A 337 19.56 2.10 0.95
C GLY A 337 18.33 2.67 1.62
N THR A 338 17.81 1.94 2.61
CA THR A 338 16.58 2.26 3.31
C THR A 338 16.47 1.29 4.48
N PHE A 339 15.83 1.75 5.55
CA PHE A 339 15.61 0.87 6.69
C PHE A 339 14.75 -0.34 6.30
N PHE A 340 13.62 -0.08 5.65
CA PHE A 340 12.77 -1.18 5.20
C PHE A 340 13.31 -1.86 3.95
N GLY A 341 14.08 -1.15 3.12
CA GLY A 341 14.80 -1.81 2.05
C GLY A 341 15.79 -2.84 2.56
N MET A 342 16.41 -2.58 3.71
CA MET A 342 17.27 -3.56 4.37
C MET A 342 16.48 -4.62 5.12
N PHE A 343 15.33 -4.25 5.69
CA PHE A 343 14.50 -5.25 6.36
C PHE A 343 13.99 -6.29 5.38
N SER A 344 13.57 -5.88 4.18
CA SER A 344 13.08 -6.83 3.19
C SER A 344 14.15 -7.80 2.74
N ILE A 345 15.42 -7.38 2.74
CA ILE A 345 16.50 -8.27 2.38
C ILE A 345 16.92 -9.16 3.55
N PHE A 346 16.89 -8.65 4.77
CA PHE A 346 17.31 -9.46 5.91
C PHE A 346 16.27 -10.49 6.31
N PHE A 347 14.98 -10.14 6.21
CA PHE A 347 13.93 -10.94 6.84
C PHE A 347 13.96 -12.42 6.49
N PRO A 348 14.22 -12.85 5.24
CA PRO A 348 14.32 -14.29 4.97
C PRO A 348 15.38 -15.01 5.78
N SER A 349 16.24 -14.27 6.50
CA SER A 349 17.15 -14.88 7.45
C SER A 349 16.45 -15.34 8.72
N ALA A 350 15.28 -14.80 9.02
CA ALA A 350 14.52 -15.18 10.20
C ALA A 350 13.46 -16.23 9.93
N THR A 351 13.06 -16.41 8.67
CA THR A 351 12.09 -17.42 8.32
C THR A 351 12.72 -18.81 8.33
N GLY A 352 11.87 -19.84 8.44
CA GLY A 352 12.35 -21.19 8.54
C GLY A 352 11.96 -21.82 9.87
N ILE A 353 11.17 -21.07 10.65
CA ILE A 353 10.74 -21.53 11.97
C ILE A 353 9.69 -22.62 11.91
N LEU A 354 9.15 -22.91 10.72
CA LEU A 354 8.11 -23.92 10.55
C LEU A 354 8.66 -25.29 10.19
N ALA A 355 9.98 -25.47 10.30
CA ALA A 355 10.57 -26.78 10.01
C ALA A 355 10.28 -27.78 11.11
N GLY A 356 10.12 -27.31 12.36
CA GLY A 356 9.80 -28.21 13.45
C GLY A 356 8.41 -28.82 13.33
N ALA A 357 7.44 -28.01 12.88
CA ALA A 357 6.07 -28.51 12.76
C ALA A 357 5.92 -29.46 11.57
N ASN A 358 6.86 -29.41 10.63
CA ASN A 358 6.77 -30.25 9.44
C ASN A 358 6.86 -31.73 9.78
N ILE A 359 7.52 -32.07 10.89
CA ILE A 359 7.76 -33.45 11.25
C ILE A 359 7.07 -33.81 12.57
N SER A 360 5.92 -33.20 12.87
CA SER A 360 5.23 -33.47 14.13
C SER A 360 4.88 -34.95 14.26
N GLY A 361 4.53 -35.60 13.15
CA GLY A 361 4.22 -37.02 13.20
C GLY A 361 5.44 -37.87 13.52
N ASP A 362 6.61 -37.46 13.04
CA ASP A 362 7.83 -38.24 13.16
C ASP A 362 8.64 -37.91 14.42
N LEU A 363 8.01 -37.33 15.43
CA LEU A 363 8.68 -36.97 16.66
C LEU A 363 8.30 -37.92 17.79
N LYS A 364 8.82 -37.64 18.99
CA LYS A 364 8.53 -38.44 20.18
C LYS A 364 7.35 -37.88 20.96
N ASP A 365 7.42 -36.61 21.34
CA ASP A 365 6.34 -35.92 22.05
C ASP A 365 6.25 -34.50 21.51
N PRO A 366 5.48 -34.30 20.44
CA PRO A 366 5.44 -32.98 19.80
C PRO A 366 5.04 -31.84 20.71
N ALA A 367 4.08 -32.07 21.62
CA ALA A 367 3.55 -31.02 22.48
C ALA A 367 4.63 -30.39 23.37
N ILE A 368 5.69 -31.12 23.68
CA ILE A 368 6.79 -30.54 24.46
C ILE A 368 8.07 -30.40 23.66
N ALA A 369 8.18 -30.99 22.47
CA ALA A 369 9.40 -30.89 21.67
C ALA A 369 9.34 -29.75 20.66
N ILE A 370 8.20 -29.57 19.99
CA ILE A 370 8.09 -28.49 18.99
C ILE A 370 8.25 -27.11 19.62
N PRO A 371 7.57 -26.78 20.73
CA PRO A 371 7.73 -25.41 21.26
C PRO A 371 9.16 -25.08 21.68
N LYS A 372 9.77 -25.92 22.53
CA LYS A 372 11.12 -25.62 22.99
C LYS A 372 12.11 -25.62 21.84
N GLY A 373 12.00 -26.57 20.91
CA GLY A 373 12.93 -26.60 19.79
C GLY A 373 12.81 -25.37 18.91
N THR A 374 11.58 -24.99 18.55
CA THR A 374 11.39 -23.82 17.72
C THR A 374 11.89 -22.55 18.41
N LEU A 375 11.53 -22.36 19.68
CA LEU A 375 11.92 -21.14 20.37
C LEU A 375 13.43 -21.09 20.59
N MET A 376 14.05 -22.23 20.91
CA MET A 376 15.50 -22.26 21.09
C MET A 376 16.22 -21.98 19.78
N ALA A 377 15.73 -22.53 18.66
CA ALA A 377 16.33 -22.24 17.37
C ALA A 377 16.22 -20.76 17.04
N ILE A 378 15.04 -20.16 17.27
CA ILE A 378 14.87 -18.73 17.03
C ILE A 378 15.86 -17.93 17.87
N PHE A 379 15.96 -18.27 19.16
CA PHE A 379 16.85 -17.54 20.06
C PHE A 379 18.30 -17.65 19.62
N TRP A 380 18.76 -18.86 19.29
CA TRP A 380 20.17 -19.04 18.96
C TRP A 380 20.52 -18.42 17.62
N THR A 381 19.63 -18.52 16.63
CA THR A 381 19.90 -17.87 15.36
C THR A 381 19.88 -16.35 15.51
N THR A 382 19.01 -15.82 16.36
CA THR A 382 19.03 -14.39 16.67
C THR A 382 20.36 -13.99 17.28
N ILE A 383 20.86 -14.80 18.22
CA ILE A 383 22.14 -14.52 18.87
C ILE A 383 23.26 -14.52 17.83
N SER A 384 23.24 -15.50 16.92
CA SER A 384 24.26 -15.57 15.88
C SER A 384 24.22 -14.36 14.96
N TYR A 385 23.01 -13.95 14.54
CA TYR A 385 22.90 -12.78 13.67
C TYR A 385 23.39 -11.52 14.37
N LEU A 386 22.99 -11.32 15.63
CA LEU A 386 23.44 -10.14 16.36
C LEU A 386 24.95 -10.14 16.53
N ALA A 387 25.53 -11.28 16.90
CA ALA A 387 26.97 -11.35 17.09
C ALA A 387 27.73 -11.09 15.80
N ILE A 388 27.30 -11.71 14.70
CA ILE A 388 28.00 -11.52 13.44
C ILE A 388 27.90 -10.06 12.99
N SER A 389 26.71 -9.46 13.11
CA SER A 389 26.56 -8.06 12.76
C SER A 389 27.48 -7.18 13.60
N ALA A 390 27.51 -7.41 14.91
CA ALA A 390 28.31 -6.57 15.79
C ALA A 390 29.80 -6.70 15.51
N THR A 391 30.30 -7.92 15.29
CA THR A 391 31.74 -8.09 15.06
C THR A 391 32.15 -7.69 13.65
N ILE A 392 31.27 -7.82 12.66
CA ILE A 392 31.67 -7.39 11.32
C ILE A 392 31.56 -5.87 11.19
N GLY A 393 30.67 -5.24 11.96
CA GLY A 393 30.61 -3.78 11.95
C GLY A 393 31.83 -3.14 12.55
N SER A 394 32.44 -3.80 13.55
CA SER A 394 33.55 -3.23 14.28
C SER A 394 34.91 -3.60 13.71
N CYS A 395 34.96 -4.32 12.59
CA CYS A 395 36.22 -4.79 12.03
C CYS A 395 36.57 -4.19 10.68
N VAL A 396 35.59 -3.99 9.81
CA VAL A 396 35.84 -3.57 8.44
C VAL A 396 35.26 -2.18 8.23
N VAL A 397 36.05 -1.32 7.58
CA VAL A 397 35.57 0.00 7.17
C VAL A 397 34.64 -0.15 5.97
N ARG A 398 33.79 0.86 5.78
CA ARG A 398 32.81 0.80 4.70
C ARG A 398 33.47 0.88 3.33
N ASP A 399 34.49 1.72 3.19
CA ASP A 399 35.14 1.95 1.91
C ASP A 399 36.59 1.48 1.98
N ALA A 400 37.00 0.70 0.98
CA ALA A 400 38.37 0.24 0.87
C ALA A 400 38.66 -0.13 -0.59
N SER A 401 39.94 -0.15 -0.93
CA SER A 401 40.39 -0.48 -2.28
C SER A 401 41.32 -1.67 -2.21
N GLY A 402 41.13 -2.62 -3.13
CA GLY A 402 41.94 -3.83 -3.15
C GLY A 402 43.39 -3.59 -3.51
N VAL A 403 43.75 -2.39 -3.94
CA VAL A 403 45.12 -2.09 -4.34
C VAL A 403 46.02 -2.08 -3.11
N LEU A 404 47.13 -2.82 -3.19
CA LEU A 404 48.09 -2.92 -2.11
C LEU A 404 49.07 -1.75 -2.08
N ASN A 405 49.00 -0.86 -3.03
CA ASN A 405 49.89 0.28 -3.09
C ASN A 405 49.26 1.43 -2.35
N ASP A 406 48.01 1.32 -1.91
CA ASP A 406 47.28 2.39 -1.24
C ASP A 406 47.71 2.57 0.21
N THR A 407 48.85 2.02 0.60
CA THR A 407 49.39 2.32 1.92
C THR A 407 49.84 3.78 1.97
N VAL A 408 49.79 4.38 3.15
CA VAL A 408 50.03 5.81 3.30
C VAL A 408 51.49 6.11 2.96
N THR A 409 51.70 7.13 2.15
CA THR A 409 53.05 7.57 1.85
C THR A 409 53.62 8.36 3.02
N PRO A 410 54.93 8.24 3.29
CA PRO A 410 55.54 8.96 4.43
C PRO A 410 55.84 10.41 4.11
N GLY A 411 54.82 11.26 4.22
CA GLY A 411 54.97 12.68 3.95
C GLY A 411 53.78 13.50 4.39
N TRP A 412 53.78 14.79 4.02
CA TRP A 412 52.69 15.70 4.38
C TRP A 412 51.56 15.54 3.36
N GLY A 413 50.83 14.44 3.50
CA GLY A 413 49.74 14.10 2.62
C GLY A 413 48.41 14.69 3.04
N ALA A 414 47.41 14.43 2.21
CA ALA A 414 46.03 14.89 2.42
C ALA A 414 45.09 13.74 2.75
N CYS A 415 45.55 12.77 3.54
CA CYS A 415 44.78 11.59 3.87
C CYS A 415 43.47 11.96 4.55
N GLU A 416 42.37 11.35 4.09
CA GLU A 416 41.03 11.79 4.46
C GLU A 416 40.26 10.78 5.30
N GLY A 417 40.46 9.48 5.08
CA GLY A 417 39.64 8.49 5.73
C GLY A 417 40.06 8.12 7.13
N LEU A 418 39.30 7.21 7.77
CA LEU A 418 39.66 6.75 9.11
C LEU A 418 40.81 5.76 9.07
N ALA A 419 40.98 5.06 7.95
CA ALA A 419 42.05 4.08 7.82
C ALA A 419 43.43 4.72 7.82
N CYS A 420 43.51 6.04 7.71
CA CYS A 420 44.78 6.74 7.70
C CYS A 420 45.54 6.52 9.01
N SER A 421 44.81 6.50 10.13
CA SER A 421 45.41 6.26 11.44
C SER A 421 46.01 4.87 11.50
N TYR A 422 45.47 3.94 10.69
CA TYR A 422 46.02 2.59 10.61
C TYR A 422 47.04 2.42 9.49
N GLY A 423 47.34 3.49 8.75
CA GLY A 423 48.39 3.47 7.76
C GLY A 423 47.94 3.19 6.34
N TRP A 424 46.67 3.37 6.01
CA TRP A 424 46.15 3.08 4.68
C TRP A 424 45.46 4.30 4.11
N ASN A 425 45.54 4.53 2.84
CA ASN A 425 45.19 5.72 2.08
C ASN A 425 44.13 5.35 1.06
N PHE A 426 42.91 5.35 1.40
CA PHE A 426 41.81 4.96 0.52
C PHE A 426 41.02 6.16 0.02
N THR A 427 41.66 7.33 -0.05
CA THR A 427 40.96 8.55 -0.45
C THR A 427 40.49 8.49 -1.89
N GLU A 428 41.32 7.93 -2.78
CA GLU A 428 41.05 8.01 -4.22
C GLU A 428 39.68 7.46 -4.58
N CYS A 429 39.38 6.23 -4.16
CA CYS A 429 38.10 5.63 -4.49
C CYS A 429 36.98 6.10 -3.57
N THR A 430 37.28 6.43 -2.32
CA THR A 430 36.27 6.91 -1.39
C THR A 430 35.65 8.22 -1.85
N GLN A 431 36.45 9.14 -2.39
CA GLN A 431 35.94 10.40 -2.92
C GLN A 431 35.22 10.25 -4.25
N GLN A 432 35.64 9.30 -5.08
CA GLN A 432 35.02 9.05 -6.38
C GLN A 432 33.93 8.00 -6.35
N HIS A 433 33.64 7.42 -5.17
CA HIS A 433 32.64 6.38 -5.03
C HIS A 433 32.91 5.21 -5.97
N SER A 434 34.17 4.80 -6.07
CA SER A 434 34.58 3.73 -6.98
C SER A 434 35.39 2.65 -6.27
N CYS A 435 35.21 2.52 -4.96
CA CYS A 435 35.89 1.48 -4.21
C CYS A 435 35.31 0.11 -4.56
N HIS A 436 36.19 -0.88 -4.67
CA HIS A 436 35.78 -2.24 -4.99
C HIS A 436 35.56 -3.11 -3.76
N TYR A 437 36.16 -2.75 -2.64
CA TYR A 437 36.11 -3.56 -1.42
C TYR A 437 35.51 -2.74 -0.28
N GLY A 438 35.50 -3.34 0.90
CA GLY A 438 34.93 -2.72 2.07
C GLY A 438 33.63 -3.40 2.49
N LEU A 439 33.11 -2.99 3.65
CA LEU A 439 31.87 -3.58 4.15
C LEU A 439 30.70 -3.30 3.23
N ILE A 440 30.61 -2.06 2.71
CA ILE A 440 29.45 -1.66 1.91
C ILE A 440 29.61 -1.96 0.43
N ASN A 441 30.80 -2.39 0.00
CA ASN A 441 31.05 -2.66 -1.40
C ASN A 441 31.34 -4.12 -1.73
N TYR A 442 31.91 -4.88 -0.81
CA TYR A 442 32.26 -6.28 -1.04
C TYR A 442 31.21 -7.17 -0.38
N TYR A 443 30.57 -8.03 -1.18
CA TYR A 443 29.57 -8.94 -0.67
C TYR A 443 30.16 -10.18 -0.01
N GLN A 444 31.44 -10.45 -0.23
CA GLN A 444 32.08 -11.61 0.39
C GLN A 444 33.16 -11.17 1.37
N THR A 445 32.88 -10.10 2.11
CA THR A 445 33.85 -9.62 3.10
C THR A 445 33.93 -10.55 4.31
N MET A 446 32.89 -11.34 4.55
CA MET A 446 32.93 -12.30 5.65
C MET A 446 33.98 -13.37 5.41
N SER A 447 34.12 -13.78 4.15
CA SER A 447 35.12 -14.78 3.80
C SER A 447 36.49 -14.18 3.79
N MET A 448 36.60 -12.92 3.39
CA MET A 448 37.88 -12.22 3.39
C MET A 448 38.41 -12.04 4.80
N VAL A 449 37.55 -11.66 5.73
CA VAL A 449 37.97 -11.39 7.10
C VAL A 449 38.51 -12.65 7.77
N SER A 450 37.89 -13.80 7.49
CA SER A 450 38.19 -15.01 8.23
C SER A 450 39.58 -15.55 7.89
N GLY A 451 40.05 -16.49 8.72
CA GLY A 451 41.35 -17.09 8.55
C GLY A 451 41.50 -17.91 7.28
N PHE A 452 40.50 -18.73 6.97
CA PHE A 452 40.54 -19.60 5.80
C PHE A 452 39.24 -19.43 5.02
N ALA A 453 39.33 -18.77 3.86
CA ALA A 453 38.15 -18.56 3.03
C ALA A 453 37.45 -19.85 2.59
N PRO A 454 38.14 -20.92 2.19
CA PRO A 454 37.42 -22.13 1.77
C PRO A 454 36.48 -22.70 2.82
N LEU A 455 36.79 -22.58 4.11
CA LEU A 455 35.88 -23.08 5.13
C LEU A 455 34.56 -22.31 5.13
N ILE A 456 34.62 -20.99 4.97
CA ILE A 456 33.40 -20.20 4.90
C ILE A 456 32.68 -20.44 3.57
N THR A 457 33.42 -20.72 2.50
CA THR A 457 32.77 -21.12 1.26
C THR A 457 31.98 -22.41 1.44
N ALA A 458 32.58 -23.38 2.13
CA ALA A 458 31.87 -24.62 2.44
C ALA A 458 30.68 -24.36 3.35
N GLY A 459 30.82 -23.43 4.30
CA GLY A 459 29.69 -23.08 5.15
C GLY A 459 28.54 -22.46 4.39
N ILE A 460 28.86 -21.58 3.44
CA ILE A 460 27.83 -21.00 2.58
C ILE A 460 27.15 -22.08 1.76
N PHE A 461 27.94 -23.00 1.19
CA PHE A 461 27.36 -24.10 0.43
C PHE A 461 26.42 -24.93 1.29
N GLY A 462 26.86 -25.30 2.49
CA GLY A 462 26.03 -26.12 3.36
C GLY A 462 24.75 -25.41 3.77
N ALA A 463 24.85 -24.14 4.19
CA ALA A 463 23.67 -23.41 4.61
C ALA A 463 22.68 -23.24 3.47
N THR A 464 23.17 -22.81 2.30
CA THR A 464 22.29 -22.59 1.16
C THR A 464 21.63 -23.88 0.69
N LEU A 465 22.41 -24.97 0.60
CA LEU A 465 21.84 -26.23 0.15
C LEU A 465 20.82 -26.78 1.15
N SER A 466 21.13 -26.71 2.46
CA SER A 466 20.19 -27.19 3.46
C SER A 466 18.90 -26.39 3.41
N SER A 467 18.99 -25.06 3.37
CA SER A 467 17.80 -24.24 3.34
C SER A 467 16.99 -24.44 2.06
N ALA A 468 17.65 -24.55 0.90
CA ALA A 468 16.95 -24.77 -0.36
C ALA A 468 16.26 -26.13 -0.39
N LEU A 469 16.94 -27.18 0.08
CA LEU A 469 16.32 -28.50 0.13
C LEU A 469 15.13 -28.50 1.06
N ALA A 470 15.28 -27.89 2.25
CA ALA A 470 14.18 -27.84 3.20
C ALA A 470 12.99 -27.10 2.62
N CYS A 471 13.24 -25.95 1.98
CA CYS A 471 12.17 -25.18 1.36
C CYS A 471 11.48 -25.94 0.24
N LEU A 472 12.25 -26.62 -0.62
CA LEU A 472 11.65 -27.36 -1.72
C LEU A 472 10.79 -28.52 -1.23
N VAL A 473 11.32 -29.32 -0.31
CA VAL A 473 10.55 -30.46 0.17
C VAL A 473 9.35 -30.01 0.99
N SER A 474 9.49 -28.92 1.76
CA SER A 474 8.35 -28.41 2.49
C SER A 474 7.27 -27.88 1.56
N ALA A 475 7.64 -27.14 0.52
CA ALA A 475 6.65 -26.64 -0.44
C ALA A 475 5.93 -27.81 -1.11
N ALA A 476 6.68 -28.81 -1.56
CA ALA A 476 6.05 -29.95 -2.22
C ALA A 476 5.12 -30.71 -1.28
N LYS A 477 5.56 -30.97 -0.06
CA LYS A 477 4.74 -31.75 0.84
C LYS A 477 3.50 -30.97 1.32
N VAL A 478 3.63 -29.68 1.56
CA VAL A 478 2.46 -28.89 1.94
C VAL A 478 1.48 -28.79 0.78
N PHE A 479 2.00 -28.58 -0.44
CA PHE A 479 1.11 -28.49 -1.59
C PHE A 479 0.38 -29.79 -1.85
N GLN A 480 1.08 -30.93 -1.72
CA GLN A 480 0.43 -32.22 -1.94
C GLN A 480 -0.69 -32.46 -0.94
N CYS A 481 -0.43 -32.17 0.34
CA CYS A 481 -1.45 -32.38 1.36
C CYS A 481 -2.62 -31.42 1.16
N LEU A 482 -2.33 -30.19 0.75
CA LEU A 482 -3.40 -29.24 0.46
C LEU A 482 -4.25 -29.70 -0.73
N CYS A 483 -3.60 -30.29 -1.73
CA CYS A 483 -4.31 -30.71 -2.93
C CYS A 483 -5.13 -31.97 -2.69
N GLU A 484 -4.67 -32.84 -1.79
CA GLU A 484 -5.45 -34.03 -1.45
C GLU A 484 -6.76 -33.68 -0.76
N ASP A 485 -6.81 -32.57 -0.02
CA ASP A 485 -8.07 -32.06 0.50
C ASP A 485 -8.69 -31.17 -0.56
N GLN A 486 -9.81 -31.61 -1.14
CA GLN A 486 -10.39 -30.91 -2.28
C GLN A 486 -11.04 -29.62 -1.80
N LEU A 487 -10.24 -28.58 -1.60
CA LEU A 487 -10.72 -27.27 -1.23
C LEU A 487 -10.65 -26.25 -2.37
N TYR A 488 -9.83 -26.50 -3.38
CA TYR A 488 -9.67 -25.60 -4.52
C TYR A 488 -9.86 -26.37 -5.81
N PRO A 489 -10.39 -25.71 -6.86
CA PRO A 489 -10.87 -26.47 -8.02
C PRO A 489 -9.77 -27.13 -8.84
N LEU A 490 -8.76 -26.38 -9.25
CA LEU A 490 -7.81 -26.86 -10.25
C LEU A 490 -6.51 -27.42 -9.68
N ILE A 491 -6.18 -27.11 -8.42
CA ILE A 491 -4.91 -27.52 -7.85
C ILE A 491 -4.91 -29.03 -7.61
N GLY A 492 -6.09 -29.64 -7.61
CA GLY A 492 -6.24 -31.06 -7.31
C GLY A 492 -5.44 -32.00 -8.18
N PHE A 493 -4.88 -31.48 -9.27
CA PHE A 493 -4.06 -32.27 -10.17
C PHE A 493 -2.68 -32.58 -9.60
N PHE A 494 -2.15 -31.73 -8.72
CA PHE A 494 -0.84 -31.91 -8.13
C PHE A 494 -0.90 -32.70 -6.82
N GLY A 495 -1.93 -33.53 -6.66
CA GLY A 495 -2.17 -34.16 -5.38
C GLY A 495 -1.80 -35.63 -5.28
N LYS A 496 -1.41 -36.25 -6.39
CA LYS A 496 -1.09 -37.66 -6.39
C LYS A 496 0.40 -37.87 -6.18
N GLY A 497 0.75 -38.94 -5.45
CA GLY A 497 2.14 -39.29 -5.23
C GLY A 497 2.63 -40.34 -6.22
N TYR A 498 3.94 -40.58 -6.17
CA TYR A 498 4.59 -41.55 -7.03
C TYR A 498 5.41 -42.51 -6.20
N GLY A 499 5.66 -43.70 -6.74
CA GLY A 499 6.44 -44.69 -6.01
C GLY A 499 5.65 -45.31 -4.89
N LYS A 500 6.37 -45.80 -3.87
CA LYS A 500 5.73 -46.43 -2.72
C LYS A 500 5.49 -45.48 -1.56
N ASN A 501 6.30 -44.45 -1.40
CA ASN A 501 6.11 -43.48 -0.34
C ASN A 501 5.37 -42.23 -0.80
N LYS A 502 4.85 -42.22 -2.03
CA LYS A 502 3.92 -41.19 -2.50
C LYS A 502 4.56 -39.80 -2.52
N GLU A 503 5.70 -39.69 -3.18
CA GLU A 503 6.36 -38.39 -3.28
C GLU A 503 5.58 -37.48 -4.23
N PRO A 504 5.39 -36.22 -3.88
CA PRO A 504 4.66 -35.32 -4.80
C PRO A 504 5.51 -34.89 -5.98
N VAL A 505 5.66 -35.79 -6.95
CA VAL A 505 6.49 -35.52 -8.12
C VAL A 505 5.94 -34.35 -8.91
N ARG A 506 4.62 -34.28 -9.08
CA ARG A 506 4.00 -33.13 -9.72
C ARG A 506 4.20 -31.87 -8.89
N GLY A 507 4.06 -31.97 -7.57
CA GLY A 507 4.34 -30.83 -6.72
C GLY A 507 5.80 -30.43 -6.75
N TYR A 508 6.70 -31.42 -6.76
CA TYR A 508 8.12 -31.13 -6.87
C TYR A 508 8.43 -30.39 -8.18
N LEU A 509 7.83 -30.83 -9.28
CA LEU A 509 8.04 -30.16 -10.56
C LEU A 509 7.45 -28.76 -10.60
N LEU A 510 6.28 -28.54 -10.02
CA LEU A 510 5.73 -27.19 -9.96
C LEU A 510 6.60 -26.27 -9.11
N ALA A 511 7.07 -26.75 -7.96
CA ALA A 511 7.96 -25.96 -7.14
C ALA A 511 9.26 -25.67 -7.87
N TYR A 512 9.79 -26.65 -8.61
CA TYR A 512 10.99 -26.45 -9.39
C TYR A 512 10.77 -25.41 -10.48
N ALA A 513 9.61 -25.43 -11.13
CA ALA A 513 9.32 -24.44 -12.17
C ALA A 513 9.24 -23.05 -11.59
N ILE A 514 8.56 -22.88 -10.46
CA ILE A 514 8.49 -21.56 -9.81
C ILE A 514 9.88 -21.11 -9.39
N ALA A 515 10.67 -22.03 -8.83
CA ALA A 515 12.02 -21.70 -8.40
C ALA A 515 12.88 -21.25 -9.59
N VAL A 516 12.78 -21.96 -10.72
CA VAL A 516 13.55 -21.56 -11.90
C VAL A 516 13.11 -20.20 -12.40
N ALA A 517 11.79 -19.96 -12.42
CA ALA A 517 11.27 -18.67 -12.87
C ALA A 517 11.82 -17.53 -12.03
N PHE A 518 11.89 -17.73 -10.70
CA PHE A 518 12.42 -16.66 -9.86
C PHE A 518 13.94 -16.62 -9.85
N ILE A 519 14.59 -17.74 -10.21
CA ILE A 519 16.04 -17.75 -10.37
C ILE A 519 16.47 -16.95 -11.58
N ILE A 520 15.65 -16.94 -12.64
CA ILE A 520 15.96 -16.11 -13.81
C ILE A 520 16.28 -14.68 -13.41
N ILE A 521 15.63 -14.16 -12.36
CA ILE A 521 16.08 -12.95 -11.69
C ILE A 521 17.32 -13.32 -10.89
N ALA A 522 18.49 -12.91 -11.38
CA ALA A 522 19.75 -13.32 -10.77
C ALA A 522 20.23 -12.39 -9.67
N GLU A 523 19.34 -11.59 -9.08
CA GLU A 523 19.72 -10.64 -8.04
C GLU A 523 19.11 -11.08 -6.71
N LEU A 524 19.96 -11.25 -5.70
CA LEU A 524 19.48 -11.61 -4.37
C LEU A 524 18.63 -10.49 -3.78
N ASN A 525 19.04 -9.24 -3.99
CA ASN A 525 18.34 -8.08 -3.46
C ASN A 525 16.96 -7.87 -4.09
N THR A 526 16.65 -8.57 -5.17
CA THR A 526 15.32 -8.55 -5.77
C THR A 526 14.44 -9.70 -5.32
N ILE A 527 15.01 -10.90 -5.20
CA ILE A 527 14.24 -12.05 -4.74
C ILE A 527 13.90 -11.92 -3.26
N ALA A 528 14.84 -11.41 -2.46
CA ALA A 528 14.62 -11.35 -1.01
C ALA A 528 13.38 -10.55 -0.60
N PRO A 529 13.10 -9.37 -1.17
CA PRO A 529 11.86 -8.67 -0.79
C PRO A 529 10.58 -9.43 -1.10
N ILE A 530 10.56 -10.25 -2.15
CA ILE A 530 9.40 -11.07 -2.47
C ILE A 530 9.15 -12.13 -1.41
N ILE A 531 10.22 -12.81 -0.97
CA ILE A 531 10.10 -13.81 0.06
C ILE A 531 9.74 -13.19 1.39
N SER A 532 10.30 -12.02 1.70
CA SER A 532 9.88 -11.31 2.90
C SER A 532 8.39 -11.04 2.88
N ASN A 533 7.88 -10.56 1.75
CA ASN A 533 6.45 -10.30 1.62
C ASN A 533 5.62 -11.55 1.84
N PHE A 534 5.94 -12.64 1.14
CA PHE A 534 5.12 -13.83 1.22
C PHE A 534 5.23 -14.57 2.56
N PHE A 535 6.41 -14.63 3.17
CA PHE A 535 6.54 -15.21 4.49
C PHE A 535 5.93 -14.35 5.59
N LEU A 536 5.99 -13.02 5.47
CA LEU A 536 5.23 -12.16 6.36
C LEU A 536 3.74 -12.38 6.22
N CYS A 537 3.24 -12.54 4.99
CA CYS A 537 1.83 -12.87 4.79
C CYS A 537 1.47 -14.19 5.44
N SER A 538 2.30 -15.21 5.27
CA SER A 538 2.04 -16.52 5.88
C SER A 538 2.02 -16.43 7.40
N TYR A 539 2.99 -15.72 7.98
CA TYR A 539 3.05 -15.60 9.43
C TYR A 539 1.88 -14.78 9.99
N ALA A 540 1.50 -13.71 9.29
CA ALA A 540 0.33 -12.94 9.69
C ALA A 540 -0.92 -13.79 9.61
N LEU A 541 -1.04 -14.61 8.56
CA LEU A 541 -2.18 -15.50 8.44
C LEU A 541 -2.23 -16.50 9.58
N ILE A 542 -1.09 -17.10 9.94
CA ILE A 542 -1.08 -18.06 11.04
C ILE A 542 -1.47 -17.39 12.36
N ASN A 543 -0.89 -16.21 12.61
CA ASN A 543 -1.18 -15.51 13.87
C ASN A 543 -2.65 -15.10 13.95
N PHE A 544 -3.19 -14.54 12.86
CA PHE A 544 -4.59 -14.12 12.89
C PHE A 544 -5.53 -15.31 12.92
N SER A 545 -5.18 -16.43 12.29
CA SER A 545 -5.99 -17.63 12.39
C SER A 545 -6.03 -18.18 13.81
N CYS A 546 -4.90 -18.20 14.51
CA CYS A 546 -4.89 -18.57 15.91
C CYS A 546 -5.72 -17.62 16.77
N PHE A 547 -5.59 -16.31 16.53
CA PHE A 547 -6.38 -15.34 17.28
C PHE A 547 -7.87 -15.52 17.01
N HIS A 548 -8.24 -15.76 15.76
CA HIS A 548 -9.63 -15.96 15.38
C HIS A 548 -10.20 -17.22 16.03
N ALA A 549 -9.42 -18.30 16.03
CA ALA A 549 -9.88 -19.53 16.69
C ALA A 549 -10.02 -19.33 18.19
N SER A 550 -9.16 -18.50 18.79
CA SER A 550 -9.26 -18.27 20.22
C SER A 550 -10.47 -17.39 20.56
N ILE A 551 -10.65 -16.30 19.82
CA ILE A 551 -11.69 -15.33 20.16
C ILE A 551 -13.09 -15.90 19.90
N THR A 552 -13.25 -16.78 18.92
CA THR A 552 -14.58 -17.29 18.63
C THR A 552 -14.83 -18.59 19.34
N ASN A 553 -13.94 -18.94 20.26
CA ASN A 553 -14.07 -20.15 21.05
C ASN A 553 -14.30 -21.38 20.20
N SER A 554 -13.46 -21.54 19.18
CA SER A 554 -13.60 -22.67 18.28
C SER A 554 -13.65 -23.99 19.01
N PRO A 555 -14.49 -24.92 18.54
CA PRO A 555 -14.65 -26.25 19.14
C PRO A 555 -13.33 -26.98 19.38
N GLY A 556 -12.62 -27.31 18.30
CA GLY A 556 -11.36 -28.02 18.41
C GLY A 556 -10.26 -27.25 19.12
N TRP A 557 -10.17 -25.96 18.83
CA TRP A 557 -9.14 -25.11 19.40
C TRP A 557 -9.11 -25.01 20.91
N ARG A 558 -8.22 -25.77 21.53
CA ARG A 558 -8.03 -25.72 22.97
C ARG A 558 -6.55 -25.91 23.24
N PRO A 559 -5.70 -24.94 22.87
CA PRO A 559 -4.24 -25.06 23.02
C PRO A 559 -3.84 -25.17 24.49
N SER A 560 -2.76 -25.89 24.74
CA SER A 560 -2.29 -26.07 26.10
C SER A 560 -1.00 -25.31 26.35
N PHE A 561 -0.46 -24.67 25.32
CA PHE A 561 0.80 -23.96 25.48
C PHE A 561 0.65 -22.86 26.53
N GLN A 562 1.60 -22.82 27.47
CA GLN A 562 1.48 -21.90 28.59
C GLN A 562 1.67 -20.45 28.16
N TYR A 563 2.47 -20.20 27.13
CA TYR A 563 2.85 -18.85 26.75
C TYR A 563 2.14 -18.35 25.50
N TYR A 564 0.98 -18.92 25.17
CA TYR A 564 0.20 -18.44 24.04
C TYR A 564 -0.88 -17.47 24.53
N ASN A 565 -0.95 -16.30 23.90
CA ASN A 565 -1.97 -15.30 24.18
C ASN A 565 -2.56 -14.84 22.85
N LYS A 566 -3.88 -14.79 22.77
CA LYS A 566 -4.53 -14.45 21.51
C LYS A 566 -4.26 -12.99 21.13
N TRP A 567 -4.05 -12.13 22.13
CA TRP A 567 -3.75 -10.74 21.84
C TRP A 567 -2.33 -10.58 21.33
N ALA A 568 -1.40 -11.41 21.82
CA ALA A 568 -0.06 -11.43 21.25
C ALA A 568 -0.09 -11.88 19.79
N ALA A 569 -0.91 -12.89 19.49
CA ALA A 569 -1.07 -13.33 18.11
C ALA A 569 -1.67 -12.24 17.24
N LEU A 570 -2.68 -11.52 17.76
CA LEU A 570 -3.27 -10.42 17.00
C LEU A 570 -2.25 -9.32 16.74
N PHE A 571 -1.45 -8.98 17.75
CA PHE A 571 -0.39 -7.99 17.56
C PHE A 571 0.62 -8.46 16.52
N GLY A 572 1.00 -9.73 16.57
CA GLY A 572 1.95 -10.24 15.58
C GLY A 572 1.39 -10.18 14.17
N ALA A 573 0.13 -10.56 13.99
CA ALA A 573 -0.48 -10.48 12.67
C ALA A 573 -0.55 -9.04 12.18
N ILE A 574 -0.93 -8.11 13.07
CA ILE A 574 -1.07 -6.71 12.67
C ILE A 574 0.27 -6.14 12.26
N ILE A 575 1.32 -6.38 13.07
CA ILE A 575 2.63 -5.84 12.74
C ILE A 575 3.19 -6.51 11.50
N SER A 576 2.90 -7.80 11.29
CA SER A 576 3.35 -8.46 10.08
C SER A 576 2.72 -7.83 8.84
N VAL A 577 1.43 -7.53 8.89
CA VAL A 577 0.77 -6.90 7.74
C VAL A 577 1.31 -5.48 7.54
N VAL A 578 1.52 -4.74 8.63
CA VAL A 578 2.04 -3.38 8.52
C VAL A 578 3.42 -3.38 7.89
N ILE A 579 4.30 -4.28 8.34
CA ILE A 579 5.64 -4.38 7.77
C ILE A 579 5.57 -4.83 6.32
N MET A 580 4.66 -5.74 6.01
CA MET A 580 4.51 -6.21 4.65
C MET A 580 4.17 -5.05 3.73
N PHE A 581 3.25 -4.20 4.15
CA PHE A 581 2.91 -3.03 3.33
C PHE A 581 4.02 -1.98 3.33
N LEU A 582 4.82 -1.92 4.40
CA LEU A 582 5.88 -0.93 4.48
C LEU A 582 7.06 -1.28 3.58
N LEU A 583 7.37 -2.58 3.42
CA LEU A 583 8.45 -2.97 2.51
C LEU A 583 8.12 -2.55 1.08
N THR A 584 7.02 -3.06 0.54
CA THR A 584 6.46 -2.58 -0.71
C THR A 584 4.96 -2.80 -0.67
N TRP A 585 4.21 -1.85 -1.22
CA TRP A 585 2.76 -1.88 -1.04
C TRP A 585 2.06 -2.73 -2.08
N TRP A 586 2.60 -2.81 -3.30
CA TRP A 586 1.90 -3.50 -4.37
C TRP A 586 1.98 -5.02 -4.19
N ALA A 587 3.16 -5.54 -3.80
CA ALA A 587 3.27 -6.97 -3.55
C ALA A 587 2.48 -7.38 -2.30
N ALA A 588 2.46 -6.55 -1.28
CA ALA A 588 1.61 -6.82 -0.12
C ALA A 588 0.15 -6.83 -0.50
N LEU A 589 -0.26 -5.89 -1.36
CA LEU A 589 -1.64 -5.86 -1.84
C LEU A 589 -1.97 -7.11 -2.63
N ILE A 590 -1.05 -7.58 -3.48
CA ILE A 590 -1.27 -8.80 -4.23
C ILE A 590 -1.39 -9.99 -3.30
N ALA A 591 -0.52 -10.08 -2.29
CA ALA A 591 -0.59 -11.20 -1.35
C ALA A 591 -1.89 -11.21 -0.57
N ILE A 592 -2.32 -10.04 -0.08
CA ILE A 592 -3.58 -9.97 0.65
C ILE A 592 -4.76 -10.27 -0.28
N GLY A 593 -4.67 -9.86 -1.55
CA GLY A 593 -5.73 -10.18 -2.49
C GLY A 593 -5.85 -11.67 -2.75
N VAL A 594 -4.71 -12.35 -2.90
CA VAL A 594 -4.74 -13.80 -3.07
C VAL A 594 -5.29 -14.48 -1.82
N VAL A 595 -4.87 -14.01 -0.64
CA VAL A 595 -5.36 -14.60 0.60
C VAL A 595 -6.86 -14.43 0.72
N LEU A 596 -7.37 -13.24 0.42
CA LEU A 596 -8.80 -12.98 0.49
C LEU A 596 -9.56 -13.80 -0.54
N PHE A 597 -8.99 -13.94 -1.75
CA PHE A 597 -9.63 -14.75 -2.78
C PHE A 597 -9.79 -16.19 -2.29
N LEU A 598 -8.72 -16.78 -1.76
CA LEU A 598 -8.79 -18.16 -1.29
C LEU A 598 -9.77 -18.29 -0.11
N LEU A 599 -9.67 -17.37 0.84
CA LEU A 599 -10.54 -17.43 2.01
C LEU A 599 -12.00 -17.33 1.63
N LEU A 600 -12.34 -16.38 0.76
CA LEU A 600 -13.72 -16.20 0.38
C LEU A 600 -14.21 -17.34 -0.51
N TYR A 601 -13.33 -17.92 -1.32
CA TYR A 601 -13.71 -19.08 -2.12
C TYR A 601 -14.08 -20.24 -1.22
N VAL A 602 -13.27 -20.50 -0.18
CA VAL A 602 -13.61 -21.60 0.73
C VAL A 602 -14.85 -21.25 1.55
N ILE A 603 -15.00 -19.98 1.94
CA ILE A 603 -16.17 -19.57 2.71
C ILE A 603 -17.44 -19.72 1.88
N TYR A 604 -17.40 -19.24 0.63
CA TYR A 604 -18.58 -19.32 -0.25
C TYR A 604 -18.78 -20.73 -0.76
N GLY B 136 -41.68 13.97 -6.23
CA GLY B 136 -41.41 13.32 -7.49
C GLY B 136 -40.01 12.76 -7.58
N TRP B 137 -39.62 12.29 -8.77
CA TRP B 137 -38.28 11.75 -8.97
C TRP B 137 -37.27 12.80 -9.43
N VAL B 138 -37.68 13.76 -10.27
CA VAL B 138 -36.74 14.73 -10.82
C VAL B 138 -36.17 15.56 -9.68
N LYS B 139 -37.03 16.39 -9.08
CA LYS B 139 -36.62 17.25 -7.98
C LYS B 139 -36.28 16.46 -6.72
N GLY B 140 -36.98 15.36 -6.47
CA GLY B 140 -36.73 14.54 -5.31
C GLY B 140 -35.35 13.92 -5.30
N VAL B 141 -34.89 13.37 -6.43
CA VAL B 141 -33.66 12.63 -6.47
C VAL B 141 -32.58 13.29 -7.33
N MET B 142 -32.84 13.55 -8.61
CA MET B 142 -31.74 13.88 -9.52
C MET B 142 -31.23 15.29 -9.26
N ILE B 143 -32.12 16.24 -9.04
CA ILE B 143 -31.71 17.62 -8.78
C ILE B 143 -30.86 17.75 -7.52
N ARG B 144 -31.18 17.00 -6.46
CA ARG B 144 -30.39 17.05 -5.24
C ARG B 144 -29.21 16.10 -5.24
N CYS B 145 -29.15 15.15 -6.16
CA CYS B 145 -27.93 14.40 -6.41
C CYS B 145 -26.91 15.22 -7.19
N MET B 146 -27.37 15.99 -8.18
CA MET B 146 -26.48 16.93 -8.88
C MET B 146 -25.90 17.95 -7.92
N LEU B 147 -26.73 18.49 -7.03
CA LEU B 147 -26.30 19.53 -6.11
C LEU B 147 -25.22 19.05 -5.15
N ASN B 148 -25.18 17.75 -4.91
CA ASN B 148 -24.18 17.18 -4.03
C ASN B 148 -22.95 16.74 -4.82
N ILE B 149 -23.17 16.27 -6.04
CA ILE B 149 -22.03 15.89 -6.88
C ILE B 149 -21.23 17.12 -7.30
N TRP B 150 -21.90 18.19 -7.72
CA TRP B 150 -21.21 19.42 -8.08
C TRP B 150 -20.69 20.11 -6.84
N GLY B 151 -19.42 20.51 -6.85
CA GLY B 151 -18.77 21.08 -5.68
C GLY B 151 -17.58 21.94 -6.03
N VAL B 152 -16.53 21.84 -5.21
CA VAL B 152 -15.39 22.76 -5.33
C VAL B 152 -14.58 22.46 -6.58
N ILE B 153 -14.26 21.18 -6.80
CA ILE B 153 -13.36 20.79 -7.87
C ILE B 153 -13.92 21.10 -9.25
N LEU B 154 -15.24 21.23 -9.37
CA LEU B 154 -15.84 21.60 -10.64
C LEU B 154 -15.39 22.98 -11.10
N TYR B 155 -15.29 23.93 -10.18
CA TYR B 155 -14.94 25.30 -10.52
C TYR B 155 -13.49 25.66 -10.25
N LEU B 156 -12.84 24.98 -9.31
CA LEU B 156 -11.53 25.41 -8.83
C LEU B 156 -10.36 24.58 -9.32
N ARG B 157 -10.53 23.28 -9.50
CA ARG B 157 -9.41 22.42 -9.84
C ARG B 157 -9.57 21.66 -11.15
N LEU B 158 -10.77 21.60 -11.73
CA LEU B 158 -10.94 20.89 -13.00
C LEU B 158 -10.14 21.54 -14.12
N PRO B 159 -10.17 22.87 -14.27
CA PRO B 159 -9.25 23.48 -15.25
C PRO B 159 -7.78 23.18 -14.97
N TRP B 160 -7.39 23.16 -13.70
CA TRP B 160 -6.00 22.85 -13.35
C TRP B 160 -5.64 21.39 -13.66
N ILE B 161 -6.57 20.47 -13.44
CA ILE B 161 -6.36 19.07 -13.82
C ILE B 161 -6.26 18.94 -15.33
N THR B 162 -7.13 19.63 -16.07
CA THR B 162 -7.04 19.65 -17.53
C THR B 162 -5.77 20.32 -18.03
N ALA B 163 -5.16 21.18 -17.21
CA ALA B 163 -3.90 21.81 -17.57
C ALA B 163 -2.73 20.85 -17.36
N GLN B 164 -2.62 20.27 -16.17
CA GLN B 164 -1.50 19.39 -15.88
C GLN B 164 -1.60 18.09 -16.68
N ALA B 165 -2.63 17.30 -16.43
CA ALA B 165 -2.92 16.20 -17.32
C ALA B 165 -3.46 16.76 -18.64
N GLY B 166 -3.52 15.90 -19.66
CA GLY B 166 -4.07 16.30 -20.93
C GLY B 166 -5.59 16.33 -20.88
N ILE B 167 -6.18 16.78 -22.00
CA ILE B 167 -7.62 16.63 -22.15
C ILE B 167 -7.99 15.15 -22.23
N VAL B 168 -7.17 14.38 -22.95
CA VAL B 168 -7.40 12.93 -23.04
C VAL B 168 -7.25 12.28 -21.67
N LEU B 169 -6.19 12.64 -20.94
CA LEU B 169 -5.96 12.04 -19.62
C LEU B 169 -6.98 12.53 -18.62
N THR B 170 -7.42 13.79 -18.72
CA THR B 170 -8.49 14.27 -17.84
C THR B 170 -9.79 13.52 -18.12
N TRP B 171 -10.09 13.28 -19.40
CA TRP B 171 -11.27 12.49 -19.73
C TRP B 171 -11.16 11.07 -19.19
N ILE B 172 -9.96 10.49 -19.26
CA ILE B 172 -9.75 9.15 -18.72
C ILE B 172 -9.97 9.15 -17.21
N ILE B 173 -9.47 10.18 -16.51
CA ILE B 173 -9.69 10.29 -15.07
C ILE B 173 -11.18 10.39 -14.77
N ILE B 174 -11.89 11.24 -15.51
CA ILE B 174 -13.31 11.44 -15.29
C ILE B 174 -14.07 10.14 -15.50
N LEU B 175 -13.77 9.45 -16.59
CA LEU B 175 -14.46 8.21 -16.91
C LEU B 175 -14.12 7.10 -15.92
N LEU B 176 -12.88 7.07 -15.43
CA LEU B 176 -12.50 6.07 -14.44
C LEU B 176 -13.18 6.31 -13.09
N SER B 177 -13.34 7.57 -12.69
CA SER B 177 -14.13 7.86 -11.49
C SER B 177 -15.60 7.54 -11.69
N VAL B 178 -16.14 7.88 -12.87
CA VAL B 178 -17.55 7.65 -13.14
C VAL B 178 -17.86 6.16 -13.25
N THR B 179 -16.89 5.33 -13.67
CA THR B 179 -17.10 3.90 -13.67
C THR B 179 -17.36 3.39 -12.25
N VAL B 180 -16.52 3.81 -11.30
CA VAL B 180 -16.69 3.41 -9.90
C VAL B 180 -18.03 3.92 -9.37
N THR B 181 -18.33 5.20 -9.62
CA THR B 181 -19.55 5.77 -9.06
C THR B 181 -20.80 5.21 -9.72
N SER B 182 -20.70 4.79 -10.99
CA SER B 182 -21.86 4.22 -11.67
C SER B 182 -22.10 2.78 -11.23
N ILE B 183 -21.04 2.01 -10.99
CA ILE B 183 -21.20 0.68 -10.42
C ILE B 183 -21.79 0.79 -9.01
N THR B 184 -21.31 1.75 -8.22
CA THR B 184 -21.88 1.97 -6.90
C THR B 184 -23.34 2.42 -7.00
N GLY B 185 -23.66 3.22 -8.02
CA GLY B 185 -25.04 3.63 -8.20
C GLY B 185 -25.94 2.47 -8.58
N LEU B 186 -25.44 1.54 -9.38
CA LEU B 186 -26.20 0.32 -9.66
C LEU B 186 -26.43 -0.49 -8.39
N SER B 187 -25.40 -0.60 -7.55
CA SER B 187 -25.56 -1.30 -6.27
C SER B 187 -26.59 -0.60 -5.38
N ILE B 188 -26.55 0.73 -5.34
CA ILE B 188 -27.49 1.49 -4.51
C ILE B 188 -28.90 1.34 -5.05
N SER B 189 -29.05 1.31 -6.38
CA SER B 189 -30.35 1.10 -6.99
C SER B 189 -30.88 -0.29 -6.66
N ALA B 190 -30.01 -1.29 -6.66
CA ALA B 190 -30.42 -2.63 -6.24
C ALA B 190 -30.86 -2.64 -4.79
N ILE B 191 -30.14 -1.91 -3.93
CA ILE B 191 -30.51 -1.83 -2.52
C ILE B 191 -31.88 -1.17 -2.35
N SER B 192 -32.13 -0.09 -3.10
CA SER B 192 -33.38 0.65 -2.95
C SER B 192 -34.59 -0.20 -3.38
N THR B 193 -34.43 -1.00 -4.44
CA THR B 193 -35.51 -1.84 -4.92
C THR B 193 -35.62 -3.15 -4.16
N ASN B 194 -35.04 -3.25 -2.97
CA ASN B 194 -35.10 -4.46 -2.14
C ASN B 194 -36.16 -4.26 -1.08
N GLY B 195 -37.27 -4.99 -1.19
CA GLY B 195 -38.33 -4.89 -0.22
C GLY B 195 -39.10 -3.58 -0.32
N LYS B 196 -39.80 -3.24 0.77
CA LYS B 196 -40.54 -1.99 0.84
C LYS B 196 -40.19 -1.34 2.17
N VAL B 197 -38.97 -0.84 2.30
CA VAL B 197 -38.47 -0.26 3.54
C VAL B 197 -39.00 1.16 3.44
N LYS B 198 -39.61 1.66 4.51
CA LYS B 198 -40.23 2.97 4.53
C LYS B 198 -39.58 3.85 5.59
N SER B 199 -39.46 5.13 5.28
CA SER B 199 -38.89 6.06 6.23
C SER B 199 -37.54 5.57 6.70
N GLY B 200 -36.58 5.52 5.79
CA GLY B 200 -35.24 5.14 6.18
C GLY B 200 -34.16 5.90 5.42
N GLY B 201 -33.09 6.27 6.11
CA GLY B 201 -31.99 6.97 5.49
C GLY B 201 -31.07 6.03 4.73
N THR B 202 -29.88 6.54 4.42
CA THR B 202 -28.88 5.72 3.74
C THR B 202 -28.45 4.54 4.60
N TYR B 203 -28.10 4.82 5.86
CA TYR B 203 -27.66 3.74 6.74
C TYR B 203 -28.76 2.73 6.98
N PHE B 204 -30.00 3.19 7.16
CA PHE B 204 -31.10 2.26 7.40
C PHE B 204 -31.29 1.33 6.19
N LEU B 205 -31.32 1.90 4.98
CA LEU B 205 -31.47 1.08 3.78
C LEU B 205 -30.35 0.06 3.69
N ILE B 206 -29.10 0.52 3.84
CA ILE B 206 -27.95 -0.38 3.65
C ILE B 206 -27.95 -1.48 4.72
N SER B 207 -28.20 -1.12 5.98
CA SER B 207 -28.10 -2.07 7.06
C SER B 207 -29.30 -3.01 7.15
N ARG B 208 -30.44 -2.65 6.55
CA ARG B 208 -31.55 -3.58 6.52
C ARG B 208 -31.54 -4.47 5.28
N SER B 209 -31.12 -3.95 4.14
CA SER B 209 -30.96 -4.79 2.95
C SER B 209 -29.75 -5.71 3.11
N LEU B 210 -28.64 -5.17 3.61
CA LEU B 210 -27.45 -5.96 3.85
C LEU B 210 -27.34 -6.31 5.34
N GLY B 211 -26.20 -6.90 5.71
CA GLY B 211 -26.00 -7.33 7.08
C GLY B 211 -25.62 -6.19 8.01
N PRO B 212 -25.90 -6.37 9.31
CA PRO B 212 -25.44 -5.39 10.28
C PRO B 212 -23.92 -5.26 10.34
N GLU B 213 -23.19 -6.36 10.15
CA GLU B 213 -21.73 -6.32 10.24
C GLU B 213 -21.15 -5.40 9.16
N LEU B 214 -21.59 -5.56 7.92
CA LEU B 214 -21.14 -4.69 6.84
C LEU B 214 -21.82 -3.34 6.89
N GLY B 215 -23.09 -3.30 7.31
CA GLY B 215 -23.83 -2.05 7.35
C GLY B 215 -23.25 -1.04 8.32
N GLY B 216 -22.83 -1.51 9.50
CA GLY B 216 -22.25 -0.60 10.48
C GLY B 216 -20.95 0.02 10.00
N SER B 217 -20.07 -0.80 9.41
CA SER B 217 -18.83 -0.26 8.87
C SER B 217 -19.09 0.71 7.73
N ILE B 218 -20.05 0.38 6.85
CA ILE B 218 -20.39 1.28 5.77
C ILE B 218 -20.89 2.61 6.33
N GLY B 219 -21.76 2.56 7.32
CA GLY B 219 -22.28 3.78 7.90
C GLY B 219 -21.22 4.64 8.56
N LEU B 220 -20.31 4.01 9.31
CA LEU B 220 -19.25 4.76 9.97
C LEU B 220 -18.31 5.41 8.96
N ILE B 221 -17.86 4.64 7.96
CA ILE B 221 -16.95 5.18 6.97
C ILE B 221 -17.63 6.28 6.17
N PHE B 222 -18.91 6.10 5.82
CA PHE B 222 -19.64 7.10 5.06
C PHE B 222 -19.83 8.38 5.86
N ALA B 223 -20.15 8.26 7.15
CA ALA B 223 -20.29 9.44 7.99
C ALA B 223 -18.97 10.20 8.10
N PHE B 224 -17.87 9.49 8.30
CA PHE B 224 -16.58 10.18 8.37
C PHE B 224 -16.23 10.84 7.05
N ALA B 225 -16.51 10.16 5.93
CA ALA B 225 -16.21 10.73 4.62
C ALA B 225 -17.02 12.00 4.37
N ASN B 226 -18.28 12.00 4.78
CA ASN B 226 -19.09 13.21 4.65
C ASN B 226 -18.59 14.32 5.56
N ALA B 227 -18.14 13.96 6.76
CA ALA B 227 -17.61 14.97 7.69
C ALA B 227 -16.37 15.64 7.11
N VAL B 228 -15.52 14.88 6.41
CA VAL B 228 -14.34 15.47 5.79
C VAL B 228 -14.72 16.22 4.52
N GLY B 229 -15.75 15.77 3.80
CA GLY B 229 -16.21 16.50 2.64
C GLY B 229 -16.75 17.87 3.00
N VAL B 230 -17.35 17.98 4.19
CA VAL B 230 -17.74 19.29 4.70
C VAL B 230 -16.54 20.21 4.75
N ALA B 231 -15.42 19.70 5.28
CA ALA B 231 -14.19 20.50 5.35
C ALA B 231 -13.71 20.88 3.96
N MET B 232 -13.77 19.94 3.01
CA MET B 232 -13.31 20.24 1.65
C MET B 232 -14.12 21.35 1.00
N HIS B 233 -15.45 21.24 1.05
CA HIS B 233 -16.28 22.25 0.41
C HIS B 233 -16.19 23.59 1.14
N THR B 234 -16.05 23.57 2.47
CA THR B 234 -15.85 24.81 3.21
C THR B 234 -14.51 25.45 2.86
N VAL B 235 -13.47 24.64 2.65
CA VAL B 235 -12.17 25.17 2.25
C VAL B 235 -12.25 25.77 0.85
N GLY B 236 -12.99 25.14 -0.05
CA GLY B 236 -13.17 25.73 -1.38
C GLY B 236 -13.91 27.05 -1.33
N PHE B 237 -14.99 27.12 -0.54
CA PHE B 237 -15.70 28.38 -0.35
C PHE B 237 -14.80 29.44 0.26
N ALA B 238 -14.00 29.07 1.26
CA ALA B 238 -13.09 30.01 1.89
C ALA B 238 -12.02 30.49 0.92
N GLU B 239 -11.53 29.61 0.06
CA GLU B 239 -10.56 30.00 -0.96
C GLU B 239 -11.16 31.00 -1.92
N THR B 240 -12.40 30.76 -2.35
CA THR B 240 -13.07 31.72 -3.22
C THR B 240 -13.24 33.07 -2.54
N VAL B 241 -13.66 33.08 -1.27
CA VAL B 241 -13.82 34.33 -0.54
C VAL B 241 -12.48 35.03 -0.36
N ARG B 242 -11.42 34.26 -0.11
CA ARG B 242 -10.10 34.84 0.05
C ARG B 242 -9.61 35.49 -1.24
N ASP B 243 -9.85 34.83 -2.38
CA ASP B 243 -9.48 35.43 -3.66
C ASP B 243 -10.30 36.70 -3.91
N LEU B 244 -11.58 36.69 -3.54
CA LEU B 244 -12.40 37.89 -3.67
C LEU B 244 -11.84 39.02 -2.82
N LEU B 245 -11.44 38.72 -1.59
CA LEU B 245 -10.86 39.73 -0.71
C LEU B 245 -9.55 40.26 -1.27
N GLN B 246 -8.72 39.39 -1.82
CA GLN B 246 -7.44 39.80 -2.39
C GLN B 246 -7.65 40.71 -3.60
N GLU B 247 -8.64 40.40 -4.44
CA GLU B 247 -8.87 41.22 -5.63
C GLU B 247 -9.34 42.62 -5.27
N TYR B 248 -9.98 42.78 -4.10
CA TYR B 248 -10.30 44.10 -3.60
C TYR B 248 -9.20 44.68 -2.73
N GLY B 249 -8.09 43.96 -2.55
CA GLY B 249 -6.97 44.46 -1.77
C GLY B 249 -7.26 44.62 -0.30
N ALA B 250 -7.97 43.68 0.31
CA ALA B 250 -8.26 43.73 1.75
C ALA B 250 -8.13 42.32 2.33
N PRO B 251 -6.90 41.82 2.45
CA PRO B 251 -6.69 40.52 3.07
C PRO B 251 -6.67 40.61 4.60
N ILE B 252 -6.92 39.48 5.24
CA ILE B 252 -7.00 39.46 6.69
C ILE B 252 -5.62 39.34 7.32
N VAL B 253 -4.98 38.19 7.16
CA VAL B 253 -3.65 38.00 7.74
C VAL B 253 -2.67 37.57 6.65
N ASP B 254 -2.97 36.47 5.97
CA ASP B 254 -2.14 35.97 4.88
C ASP B 254 -2.93 34.91 4.13
N PRO B 255 -2.51 34.55 2.89
CA PRO B 255 -3.29 33.60 2.08
C PRO B 255 -3.84 32.39 2.81
N ILE B 256 -2.97 31.57 3.42
CA ILE B 256 -3.43 30.35 4.06
C ILE B 256 -4.23 30.60 5.34
N ASN B 257 -3.75 31.47 6.23
CA ASN B 257 -4.48 31.76 7.45
C ASN B 257 -5.80 32.45 7.18
N ASP B 258 -5.88 33.25 6.12
CA ASP B 258 -7.17 33.81 5.72
C ASP B 258 -8.13 32.70 5.32
N ILE B 259 -7.63 31.68 4.61
CA ILE B 259 -8.47 30.54 4.27
C ILE B 259 -8.95 29.84 5.53
N ARG B 260 -8.05 29.65 6.51
CA ARG B 260 -8.44 28.99 7.75
C ARG B 260 -9.53 29.78 8.48
N ILE B 261 -9.36 31.10 8.58
CA ILE B 261 -10.32 31.92 9.30
C ILE B 261 -11.67 31.90 8.60
N ILE B 262 -11.67 32.14 7.28
CA ILE B 262 -12.93 32.16 6.55
C ILE B 262 -13.61 30.80 6.60
N GLY B 263 -12.82 29.72 6.53
CA GLY B 263 -13.40 28.39 6.54
C GLY B 263 -14.02 28.05 7.88
N VAL B 264 -13.36 28.40 8.99
CA VAL B 264 -13.93 28.09 10.28
C VAL B 264 -15.18 28.93 10.54
N VAL B 265 -15.16 30.21 10.12
CA VAL B 265 -16.36 31.04 10.28
C VAL B 265 -17.50 30.48 9.42
N SER B 266 -17.19 30.10 8.20
CA SER B 266 -18.21 29.55 7.31
C SER B 266 -18.81 28.28 7.88
N VAL B 267 -17.95 27.38 8.33
CA VAL B 267 -18.43 26.11 8.85
C VAL B 267 -19.22 26.31 10.14
N THR B 268 -18.89 27.31 10.96
CA THR B 268 -19.72 27.64 12.10
C THR B 268 -21.09 28.15 11.68
N VAL B 269 -21.13 29.01 10.65
CA VAL B 269 -22.42 29.48 10.14
C VAL B 269 -23.21 28.31 9.55
N LEU B 270 -22.52 27.39 8.89
CA LEU B 270 -23.18 26.20 8.34
C LEU B 270 -23.78 25.34 9.44
N LEU B 271 -23.04 25.14 10.54
CA LEU B 271 -23.56 24.39 11.66
C LEU B 271 -24.77 25.08 12.28
N ALA B 272 -24.71 26.42 12.40
CA ALA B 272 -25.85 27.16 12.94
C ALA B 272 -27.07 27.01 12.05
N ILE B 273 -26.89 27.07 10.73
CA ILE B 273 -28.00 26.85 9.80
C ILE B 273 -28.53 25.43 9.92
N SER B 274 -27.65 24.44 10.01
CA SER B 274 -28.07 23.05 10.10
C SER B 274 -28.84 22.77 11.38
N LEU B 275 -28.46 23.39 12.49
CA LEU B 275 -29.14 23.13 13.76
C LEU B 275 -30.55 23.73 13.76
N ALA B 276 -30.64 25.05 13.62
CA ALA B 276 -31.92 25.75 13.62
C ALA B 276 -31.97 26.66 12.40
N GLY B 277 -32.86 26.34 11.47
CA GLY B 277 -33.01 27.16 10.27
C GLY B 277 -32.91 26.41 8.97
N MET B 278 -33.13 25.09 9.03
CA MET B 278 -33.06 24.24 7.84
C MET B 278 -34.41 24.11 7.17
N GLU B 279 -35.45 24.70 7.74
CA GLU B 279 -36.78 24.55 7.19
C GLU B 279 -36.87 25.10 5.77
N TRP B 280 -36.12 26.16 5.48
CA TRP B 280 -36.13 26.77 4.15
C TRP B 280 -35.09 26.19 3.21
N GLU B 281 -34.42 25.08 3.57
CA GLU B 281 -33.48 24.45 2.68
C GLU B 281 -34.21 23.79 1.52
N SER B 282 -35.51 23.52 1.70
CA SER B 282 -36.32 23.01 0.61
C SER B 282 -36.50 24.01 -0.52
N LYS B 283 -36.48 25.31 -0.22
CA LYS B 283 -36.53 26.34 -1.23
C LYS B 283 -35.16 26.87 -1.61
N ALA B 284 -34.16 26.72 -0.73
CA ALA B 284 -32.79 27.05 -1.09
C ALA B 284 -32.23 26.13 -2.17
N GLN B 285 -32.78 24.92 -2.31
CA GLN B 285 -32.36 24.00 -3.36
C GLN B 285 -32.57 24.56 -4.76
N VAL B 286 -33.74 25.15 -5.01
CA VAL B 286 -34.00 25.78 -6.30
C VAL B 286 -33.04 26.92 -6.56
N LEU B 287 -32.77 27.76 -5.57
CA LEU B 287 -31.81 28.85 -5.74
C LEU B 287 -30.43 28.32 -6.08
N PHE B 288 -29.97 27.30 -5.38
CA PHE B 288 -28.65 26.73 -5.66
C PHE B 288 -28.59 26.16 -7.08
N PHE B 289 -29.61 25.41 -7.48
CA PHE B 289 -29.60 24.80 -8.80
C PHE B 289 -29.63 25.87 -9.90
N LEU B 290 -30.48 26.88 -9.75
CA LEU B 290 -30.55 27.95 -10.75
C LEU B 290 -29.25 28.74 -10.81
N VAL B 291 -28.61 28.95 -9.65
CA VAL B 291 -27.34 29.66 -9.63
C VAL B 291 -26.27 28.87 -10.36
N ILE B 292 -26.20 27.55 -10.14
CA ILE B 292 -25.21 26.75 -10.86
C ILE B 292 -25.50 26.73 -12.36
N MET B 293 -26.78 26.63 -12.74
CA MET B 293 -27.12 26.68 -14.17
C MET B 293 -26.71 28.00 -14.79
N VAL B 294 -26.95 29.11 -14.09
CA VAL B 294 -26.57 30.43 -14.60
C VAL B 294 -25.06 30.53 -14.72
N SER B 295 -24.33 29.96 -13.76
CA SER B 295 -22.87 29.98 -13.83
C SER B 295 -22.38 29.19 -15.05
N PHE B 296 -22.97 28.03 -15.31
CA PHE B 296 -22.57 27.25 -16.48
C PHE B 296 -22.85 28.02 -17.77
N ALA B 297 -24.04 28.61 -17.88
CA ALA B 297 -24.39 29.36 -19.09
C ALA B 297 -23.47 30.56 -19.27
N ASN B 298 -23.16 31.27 -18.18
CA ASN B 298 -22.27 32.42 -18.26
C ASN B 298 -20.87 31.99 -18.68
N TYR B 299 -20.38 30.88 -18.15
CA TYR B 299 -19.06 30.39 -18.53
C TYR B 299 -19.01 30.07 -20.02
N LEU B 300 -20.02 29.35 -20.52
CA LEU B 300 -20.04 29.01 -21.95
C LEU B 300 -20.12 30.27 -22.82
N VAL B 301 -20.98 31.22 -22.43
CA VAL B 301 -21.15 32.44 -23.20
C VAL B 301 -19.85 33.24 -23.25
N GLY B 302 -19.18 33.38 -22.10
CA GLY B 302 -17.91 34.08 -22.05
C GLY B 302 -16.82 33.38 -22.82
N THR B 303 -16.84 32.05 -22.82
CA THR B 303 -15.89 31.30 -23.63
C THR B 303 -16.10 31.58 -25.11
N LEU B 304 -17.36 31.71 -25.54
CA LEU B 304 -17.65 32.02 -26.93
C LEU B 304 -17.09 33.38 -27.34
N ILE B 305 -16.98 34.31 -26.40
CA ILE B 305 -16.63 35.69 -26.72
C ILE B 305 -15.18 35.76 -27.20
N PRO B 306 -14.87 36.55 -28.23
CA PRO B 306 -13.47 36.72 -28.63
C PRO B 306 -12.69 37.42 -27.54
N PRO B 307 -11.36 37.28 -27.54
CA PRO B 307 -10.57 37.75 -26.39
C PRO B 307 -10.62 39.27 -26.26
N SER B 308 -10.55 39.73 -25.02
CA SER B 308 -10.19 41.10 -24.72
C SER B 308 -8.70 41.16 -24.40
N GLU B 309 -8.17 42.38 -24.29
CA GLU B 309 -6.74 42.53 -24.01
C GLU B 309 -6.37 41.91 -22.67
N ASP B 310 -7.18 42.16 -21.64
CA ASP B 310 -6.90 41.60 -20.32
C ASP B 310 -7.04 40.08 -20.32
N LYS B 311 -8.12 39.56 -20.91
CA LYS B 311 -8.29 38.11 -20.96
C LYS B 311 -7.22 37.43 -21.80
N ALA B 312 -6.86 38.03 -22.93
CA ALA B 312 -5.79 37.46 -23.75
C ALA B 312 -4.45 37.48 -23.01
N SER B 313 -4.20 38.55 -22.25
CA SER B 313 -3.00 38.59 -21.41
C SER B 313 -3.02 37.50 -20.35
N LYS B 314 -4.18 37.22 -19.77
CA LYS B 314 -4.28 36.20 -18.73
C LYS B 314 -4.24 34.78 -19.27
N GLY B 315 -4.27 34.60 -20.59
CA GLY B 315 -4.06 33.31 -21.21
C GLY B 315 -5.20 32.81 -22.06
N PHE B 316 -6.42 33.27 -21.82
CA PHE B 316 -7.59 32.82 -22.57
C PHE B 316 -7.70 33.64 -23.85
N PHE B 317 -7.52 32.99 -25.00
CA PHE B 317 -7.82 33.67 -26.24
C PHE B 317 -9.19 33.31 -26.81
N SER B 318 -9.40 32.03 -27.12
CA SER B 318 -10.66 31.53 -27.67
C SER B 318 -10.51 30.08 -28.07
N TYR B 319 -11.59 29.47 -28.58
CA TYR B 319 -11.49 28.16 -29.21
C TYR B 319 -10.46 28.20 -30.33
N ARG B 320 -9.36 27.49 -30.13
CA ARG B 320 -8.32 27.43 -31.14
C ARG B 320 -7.79 26.00 -31.26
N ALA B 321 -7.63 25.50 -32.47
CA ALA B 321 -7.16 24.14 -32.69
C ALA B 321 -5.77 23.93 -32.11
N ASP B 322 -4.89 24.92 -32.24
CA ASP B 322 -3.52 24.79 -31.75
C ASP B 322 -3.49 24.61 -30.23
N ILE B 323 -4.29 25.40 -29.50
CA ILE B 323 -4.33 25.26 -28.04
C ILE B 323 -4.91 23.91 -27.65
N PHE B 324 -5.93 23.45 -28.37
CA PHE B 324 -6.51 22.14 -28.10
C PHE B 324 -5.48 21.03 -28.27
N VAL B 325 -4.73 21.07 -29.38
CA VAL B 325 -3.70 20.07 -29.63
C VAL B 325 -2.59 20.15 -28.58
N GLN B 326 -2.20 21.36 -28.18
CA GLN B 326 -1.16 21.51 -27.17
C GLN B 326 -1.62 20.95 -25.82
N ASN B 327 -2.88 21.18 -25.46
CA ASN B 327 -3.40 20.71 -24.18
C ASN B 327 -3.88 19.26 -24.21
N LEU B 328 -3.89 18.62 -25.38
CA LEU B 328 -4.26 17.21 -25.43
C LEU B 328 -3.26 16.34 -24.68
N VAL B 329 -2.00 16.75 -24.64
CA VAL B 329 -0.93 15.94 -24.04
C VAL B 329 -0.71 16.36 -22.59
N PRO B 330 -0.26 15.46 -21.73
CA PRO B 330 -0.03 15.82 -20.32
C PRO B 330 1.15 16.78 -20.16
N ASP B 331 1.13 17.53 -19.06
CA ASP B 331 2.27 18.36 -18.66
C ASP B 331 2.29 18.41 -17.14
N TRP B 332 3.04 17.52 -16.52
CA TRP B 332 3.09 17.40 -15.07
C TRP B 332 4.07 18.44 -14.54
N ARG B 333 3.58 19.37 -13.72
CA ARG B 333 4.35 20.53 -13.30
C ARG B 333 4.40 20.83 -11.81
N GLY B 334 4.14 19.84 -10.95
CA GLY B 334 4.25 20.06 -9.53
C GLY B 334 4.39 18.81 -8.68
N PRO B 335 4.37 18.99 -7.36
CA PRO B 335 4.40 17.82 -6.46
C PRO B 335 3.22 16.90 -6.66
N ASP B 336 2.06 17.44 -7.01
CA ASP B 336 0.86 16.66 -7.26
C ASP B 336 0.74 16.23 -8.71
N GLY B 337 1.73 16.52 -9.55
CA GLY B 337 1.63 16.14 -10.94
C GLY B 337 1.89 14.66 -11.15
N THR B 338 0.80 13.92 -11.35
CA THR B 338 0.78 12.49 -11.59
C THR B 338 -0.65 12.15 -12.00
N PHE B 339 -0.81 11.01 -12.68
CA PHE B 339 -2.16 10.60 -13.07
C PHE B 339 -3.03 10.34 -11.85
N PHE B 340 -2.52 9.57 -10.89
CA PHE B 340 -3.29 9.27 -9.69
C PHE B 340 -3.28 10.45 -8.73
N GLY B 341 -2.25 11.30 -8.79
CA GLY B 341 -2.27 12.52 -8.01
C GLY B 341 -3.42 13.44 -8.40
N MET B 342 -3.76 13.45 -9.69
CA MET B 342 -4.90 14.23 -10.14
C MET B 342 -6.21 13.46 -9.99
N PHE B 343 -6.16 12.14 -10.08
CA PHE B 343 -7.37 11.36 -9.80
C PHE B 343 -7.83 11.58 -8.36
N SER B 344 -6.89 11.60 -7.41
CA SER B 344 -7.27 11.78 -6.01
C SER B 344 -7.87 13.16 -5.76
N ILE B 345 -7.45 14.17 -6.53
CA ILE B 345 -8.02 15.50 -6.35
C ILE B 345 -9.37 15.62 -7.08
N PHE B 346 -9.51 14.99 -8.24
CA PHE B 346 -10.76 15.11 -8.98
C PHE B 346 -11.88 14.30 -8.33
N PHE B 347 -11.60 13.09 -7.87
CA PHE B 347 -12.61 12.10 -7.51
C PHE B 347 -13.72 12.64 -6.60
N PRO B 348 -13.45 13.57 -5.67
CA PRO B 348 -14.57 14.20 -4.95
C PRO B 348 -15.61 14.84 -5.87
N SER B 349 -15.25 15.14 -7.11
CA SER B 349 -16.24 15.62 -8.07
C SER B 349 -17.29 14.57 -8.42
N ALA B 350 -16.98 13.29 -8.25
CA ALA B 350 -17.87 12.21 -8.63
C ALA B 350 -18.70 11.68 -7.48
N THR B 351 -18.28 11.92 -6.24
CA THR B 351 -19.02 11.45 -5.08
C THR B 351 -20.25 12.33 -4.84
N GLY B 352 -21.19 11.79 -4.07
CA GLY B 352 -22.46 12.43 -3.82
C GLY B 352 -23.66 11.65 -4.30
N ILE B 353 -23.49 10.41 -4.73
CA ILE B 353 -24.61 9.63 -5.25
C ILE B 353 -25.44 9.04 -4.12
N LEU B 354 -24.82 8.81 -2.96
CA LEU B 354 -25.55 8.28 -1.82
C LEU B 354 -26.49 9.33 -1.23
N ALA B 355 -26.36 10.58 -1.67
CA ALA B 355 -27.32 11.61 -1.30
C ALA B 355 -28.71 11.26 -1.80
N GLY B 356 -28.76 10.47 -2.88
CA GLY B 356 -30.05 10.00 -3.36
C GLY B 356 -30.65 8.93 -2.47
N ALA B 357 -29.79 8.21 -1.73
CA ALA B 357 -30.28 7.10 -0.92
C ALA B 357 -31.00 7.57 0.33
N ASN B 358 -30.54 8.67 0.93
CA ASN B 358 -31.09 9.09 2.22
C ASN B 358 -32.39 9.86 2.06
N ILE B 359 -32.81 10.11 0.82
CA ILE B 359 -34.11 10.76 0.58
C ILE B 359 -35.22 9.80 0.98
N SER B 360 -34.96 8.50 0.88
CA SER B 360 -35.95 7.44 1.04
C SER B 360 -36.87 7.70 2.23
N GLY B 361 -38.17 7.56 2.01
CA GLY B 361 -39.17 7.98 2.97
C GLY B 361 -39.85 9.29 2.63
N ASP B 362 -39.27 10.07 1.71
CA ASP B 362 -39.87 11.30 1.21
C ASP B 362 -40.09 11.21 -0.28
N LEU B 363 -40.16 9.99 -0.81
CA LEU B 363 -40.31 9.74 -2.24
C LEU B 363 -41.61 9.00 -2.49
N LYS B 364 -42.24 9.31 -3.63
CA LYS B 364 -43.49 8.65 -3.99
C LYS B 364 -43.28 7.16 -4.22
N ASP B 365 -42.21 6.80 -4.91
CA ASP B 365 -41.92 5.39 -5.23
C ASP B 365 -40.43 5.16 -5.33
N PRO B 366 -39.77 4.86 -4.20
CA PRO B 366 -38.31 4.73 -4.20
C PRO B 366 -37.77 3.72 -5.21
N ALA B 367 -38.45 2.59 -5.41
CA ALA B 367 -37.93 1.54 -6.29
C ALA B 367 -37.77 2.02 -7.73
N ILE B 368 -38.51 3.05 -8.14
CA ILE B 368 -38.40 3.61 -9.47
C ILE B 368 -37.73 4.98 -9.45
N ALA B 369 -37.92 5.75 -8.38
CA ALA B 369 -37.34 7.09 -8.31
C ALA B 369 -35.84 7.05 -8.06
N ILE B 370 -35.38 6.20 -7.16
CA ILE B 370 -33.97 6.19 -6.74
C ILE B 370 -33.05 5.83 -7.92
N PRO B 371 -33.29 4.73 -8.65
CA PRO B 371 -32.36 4.38 -9.73
C PRO B 371 -32.31 5.41 -10.84
N LYS B 372 -33.48 5.85 -11.32
CA LYS B 372 -33.51 6.85 -12.39
C LYS B 372 -32.81 8.13 -11.96
N GLY B 373 -33.15 8.64 -10.78
CA GLY B 373 -32.54 9.87 -10.33
C GLY B 373 -31.04 9.76 -10.17
N THR B 374 -30.58 8.69 -9.50
CA THR B 374 -29.14 8.54 -9.26
C THR B 374 -28.37 8.40 -10.56
N LEU B 375 -28.83 7.51 -11.45
CA LEU B 375 -28.09 7.28 -12.69
C LEU B 375 -28.15 8.48 -13.63
N MET B 376 -29.29 9.17 -13.70
CA MET B 376 -29.38 10.37 -14.52
C MET B 376 -28.48 11.48 -13.99
N ALA B 377 -28.42 11.64 -12.67
CA ALA B 377 -27.51 12.63 -12.09
C ALA B 377 -26.06 12.29 -12.40
N ILE B 378 -25.68 11.01 -12.26
CA ILE B 378 -24.33 10.61 -12.60
C ILE B 378 -24.01 10.92 -14.05
N PHE B 379 -24.93 10.57 -14.96
CA PHE B 379 -24.70 10.80 -16.38
C PHE B 379 -24.56 12.29 -16.69
N TRP B 380 -25.45 13.12 -16.15
CA TRP B 380 -25.44 14.53 -16.49
C TRP B 380 -24.24 15.26 -15.89
N THR B 381 -23.86 14.91 -14.66
CA THR B 381 -22.67 15.51 -14.07
C THR B 381 -21.40 15.05 -14.80
N THR B 382 -21.38 13.79 -15.26
CA THR B 382 -20.26 13.34 -16.09
C THR B 382 -20.17 14.14 -17.38
N ILE B 383 -21.32 14.38 -18.02
CA ILE B 383 -21.34 15.17 -19.24
C ILE B 383 -20.83 16.57 -18.97
N SER B 384 -21.26 17.17 -17.85
CA SER B 384 -20.80 18.52 -17.51
C SER B 384 -19.29 18.55 -17.27
N TYR B 385 -18.76 17.56 -16.55
CA TYR B 385 -17.33 17.53 -16.29
C TYR B 385 -16.54 17.39 -17.60
N LEU B 386 -16.96 16.47 -18.46
CA LEU B 386 -16.26 16.28 -19.74
C LEU B 386 -16.34 17.55 -20.60
N ALA B 387 -17.51 18.17 -20.66
CA ALA B 387 -17.67 19.38 -21.48
C ALA B 387 -16.80 20.50 -20.95
N ILE B 388 -16.78 20.71 -19.63
CA ILE B 388 -15.99 21.80 -19.07
C ILE B 388 -14.50 21.54 -19.26
N SER B 389 -14.07 20.28 -19.08
CA SER B 389 -12.66 19.95 -19.29
C SER B 389 -12.24 20.22 -20.73
N ALA B 390 -13.00 19.67 -21.70
CA ALA B 390 -12.66 19.84 -23.10
C ALA B 390 -12.81 21.28 -23.58
N THR B 391 -13.65 22.09 -22.95
CA THR B 391 -13.76 23.47 -23.39
C THR B 391 -12.76 24.40 -22.72
N ILE B 392 -12.32 24.11 -21.49
CA ILE B 392 -11.27 24.93 -20.90
C ILE B 392 -9.90 24.53 -21.43
N GLY B 393 -9.75 23.29 -21.90
CA GLY B 393 -8.49 22.92 -22.50
C GLY B 393 -8.28 23.38 -23.92
N SER B 394 -9.29 23.99 -24.53
CA SER B 394 -9.22 24.40 -25.92
C SER B 394 -9.15 25.92 -26.10
N CYS B 395 -9.14 26.68 -25.02
CA CYS B 395 -9.14 28.14 -25.14
C CYS B 395 -8.12 28.88 -24.26
N VAL B 396 -7.54 28.20 -23.27
CA VAL B 396 -6.58 28.82 -22.38
C VAL B 396 -5.27 28.05 -22.46
N VAL B 397 -4.15 28.78 -22.61
CA VAL B 397 -2.84 28.18 -22.64
C VAL B 397 -2.38 27.88 -21.21
N ARG B 398 -1.42 26.96 -21.08
CA ARG B 398 -0.95 26.56 -19.76
C ARG B 398 -0.18 27.69 -19.08
N ASP B 399 0.62 28.43 -19.84
CA ASP B 399 1.48 29.47 -19.29
C ASP B 399 1.05 30.83 -19.81
N ALA B 400 0.91 31.79 -18.90
CA ALA B 400 0.57 33.15 -19.25
C ALA B 400 1.04 34.09 -18.15
N SER B 401 1.12 35.37 -18.48
CA SER B 401 1.54 36.38 -17.51
C SER B 401 0.49 37.48 -17.49
N GLY B 402 0.06 37.88 -16.29
CA GLY B 402 -0.97 38.89 -16.18
C GLY B 402 -0.56 40.26 -16.65
N VAL B 403 0.70 40.42 -17.03
CA VAL B 403 1.18 41.70 -17.55
C VAL B 403 0.63 41.98 -18.93
N LEU B 404 -0.02 43.11 -19.08
CA LEU B 404 -0.66 43.45 -20.35
C LEU B 404 0.33 43.99 -21.39
N ASN B 405 1.61 44.04 -21.05
CA ASN B 405 2.58 44.59 -21.99
C ASN B 405 3.14 43.51 -22.88
N ASP B 406 3.07 42.27 -22.42
CA ASP B 406 3.66 41.16 -23.17
C ASP B 406 3.14 41.03 -24.58
N THR B 407 2.28 41.94 -25.00
CA THR B 407 1.84 41.89 -26.38
C THR B 407 3.08 41.98 -27.26
N VAL B 408 3.22 41.06 -28.20
CA VAL B 408 4.43 41.02 -29.05
C VAL B 408 4.83 42.35 -29.68
N THR B 409 6.06 42.76 -29.45
CA THR B 409 6.59 43.99 -30.04
C THR B 409 7.05 43.73 -31.46
N PRO B 410 6.77 44.67 -32.38
CA PRO B 410 7.21 44.49 -33.77
C PRO B 410 8.73 44.49 -33.87
N GLY B 411 9.23 43.70 -34.82
CA GLY B 411 10.64 43.52 -35.06
C GLY B 411 10.96 42.06 -35.28
N TRP B 412 12.26 41.77 -35.39
CA TRP B 412 12.69 40.39 -35.60
C TRP B 412 12.28 39.49 -34.43
N GLY B 413 12.84 39.77 -33.26
CA GLY B 413 12.45 39.07 -32.05
C GLY B 413 12.87 37.61 -32.04
N ALA B 414 12.98 37.08 -30.82
CA ALA B 414 13.13 35.64 -30.63
C ALA B 414 11.97 35.02 -29.86
N CYS B 415 10.75 35.53 -30.06
CA CYS B 415 9.58 35.07 -29.33
C CYS B 415 9.26 33.61 -29.62
N GLU B 416 8.86 32.89 -28.58
CA GLU B 416 8.48 31.48 -28.68
C GLU B 416 7.08 31.29 -28.09
N GLY B 417 6.64 30.05 -28.09
CA GLY B 417 5.37 29.72 -27.48
C GLY B 417 4.23 29.76 -28.47
N LEU B 418 3.12 29.10 -28.11
CA LEU B 418 1.96 29.06 -28.99
C LEU B 418 1.28 30.43 -29.06
N ALA B 419 1.30 31.18 -27.96
CA ALA B 419 0.60 32.46 -27.92
C ALA B 419 1.23 33.48 -28.86
N CYS B 420 2.48 33.25 -29.28
CA CYS B 420 3.17 34.19 -30.15
C CYS B 420 2.45 34.38 -31.48
N SER B 421 1.67 33.44 -31.84
CA SER B 421 0.97 33.49 -33.02
C SER B 421 -0.24 34.35 -32.91
N TYR B 422 -0.59 34.69 -31.67
CA TYR B 422 -1.75 35.55 -31.41
C TYR B 422 -1.32 36.90 -30.88
N GLY B 423 -0.06 37.25 -31.12
CA GLY B 423 0.46 38.53 -30.68
C GLY B 423 0.85 38.66 -29.23
N TRP B 424 1.00 37.55 -28.53
CA TRP B 424 1.34 37.60 -27.12
C TRP B 424 2.66 36.91 -26.82
N ASN B 425 3.63 37.69 -26.36
CA ASN B 425 4.96 37.15 -26.10
C ASN B 425 5.15 36.89 -24.61
N PHE B 426 4.69 35.74 -24.14
CA PHE B 426 4.87 35.38 -22.75
C PHE B 426 6.09 34.52 -22.76
N THR B 427 7.27 35.13 -22.85
CA THR B 427 8.51 34.35 -22.93
C THR B 427 9.17 34.42 -21.58
N GLU B 428 9.22 35.61 -20.97
CA GLU B 428 9.96 35.71 -19.71
C GLU B 428 9.48 34.70 -18.67
N CYS B 429 8.19 34.70 -18.35
CA CYS B 429 7.71 33.82 -17.30
C CYS B 429 7.76 32.34 -17.67
N THR B 430 7.56 32.03 -18.93
CA THR B 430 7.50 30.62 -19.33
C THR B 430 8.82 29.91 -19.08
N GLN B 431 9.94 30.53 -19.47
CA GLN B 431 11.24 29.92 -19.23
C GLN B 431 11.66 30.05 -17.78
N GLN B 432 11.32 31.17 -17.14
CA GLN B 432 11.66 31.42 -15.75
C GLN B 432 10.80 30.62 -14.77
N HIS B 433 9.73 29.98 -15.24
CA HIS B 433 8.80 29.23 -14.39
C HIS B 433 8.23 30.11 -13.29
N SER B 434 7.90 31.35 -13.65
CA SER B 434 7.38 32.32 -12.70
C SER B 434 6.10 32.96 -13.26
N CYS B 435 5.31 32.16 -13.97
CA CYS B 435 4.05 32.65 -14.51
C CYS B 435 2.99 32.67 -13.40
N HIS B 436 2.22 33.75 -13.35
CA HIS B 436 1.16 33.88 -12.37
C HIS B 436 -0.20 33.47 -12.90
N TYR B 437 -0.38 33.42 -14.22
CA TYR B 437 -1.67 33.12 -14.83
C TYR B 437 -1.53 31.91 -15.75
N GLY B 438 -2.61 31.62 -16.47
CA GLY B 438 -2.70 30.45 -17.32
C GLY B 438 -3.48 29.32 -16.67
N LEU B 439 -3.71 28.29 -17.46
CA LEU B 439 -4.47 27.13 -16.98
C LEU B 439 -3.77 26.43 -15.83
N ILE B 440 -2.45 26.27 -15.91
CA ILE B 440 -1.71 25.47 -14.93
C ILE B 440 -1.30 26.29 -13.71
N ASN B 441 -1.40 27.61 -13.77
CA ASN B 441 -1.00 28.46 -12.65
C ASN B 441 -2.18 29.09 -11.94
N TYR B 442 -3.09 29.69 -12.69
CA TYR B 442 -4.25 30.34 -12.09
C TYR B 442 -5.28 29.32 -11.68
N TYR B 443 -5.66 29.33 -10.42
CA TYR B 443 -6.66 28.40 -9.90
C TYR B 443 -8.08 28.84 -10.18
N GLN B 444 -8.26 30.08 -10.65
CA GLN B 444 -9.59 30.61 -10.98
C GLN B 444 -9.66 31.02 -12.44
N THR B 445 -9.62 30.07 -13.35
CA THR B 445 -9.63 30.35 -14.77
C THR B 445 -11.03 30.38 -15.36
N MET B 446 -11.95 29.62 -14.77
CA MET B 446 -13.34 29.67 -15.19
C MET B 446 -13.93 31.06 -14.97
N SER B 447 -13.59 31.69 -13.84
CA SER B 447 -14.06 33.04 -13.56
C SER B 447 -13.51 34.04 -14.58
N MET B 448 -12.22 33.95 -14.89
CA MET B 448 -11.61 34.88 -15.83
C MET B 448 -12.18 34.69 -17.24
N VAL B 449 -12.39 33.44 -17.64
CA VAL B 449 -12.84 33.16 -19.01
C VAL B 449 -14.28 33.65 -19.21
N SER B 450 -15.12 33.50 -18.18
CA SER B 450 -16.55 33.79 -18.33
C SER B 450 -16.78 35.27 -18.63
N GLY B 451 -17.94 35.55 -19.21
CA GLY B 451 -18.26 36.93 -19.57
C GLY B 451 -18.43 37.82 -18.35
N PHE B 452 -19.13 37.32 -17.34
CA PHE B 452 -19.34 38.06 -16.09
C PHE B 452 -18.76 37.24 -14.94
N ALA B 453 -17.65 37.72 -14.38
CA ALA B 453 -16.98 36.99 -13.31
C ALA B 453 -17.85 36.79 -12.07
N PRO B 454 -18.58 37.79 -11.57
CA PRO B 454 -19.36 37.56 -10.33
C PRO B 454 -20.39 36.44 -10.44
N LEU B 455 -20.91 36.17 -11.64
CA LEU B 455 -21.86 35.07 -11.78
C LEU B 455 -21.22 33.73 -11.48
N ILE B 456 -20.00 33.50 -11.94
CA ILE B 456 -19.34 32.24 -11.61
C ILE B 456 -18.95 32.19 -10.14
N THR B 457 -18.62 33.33 -9.53
CA THR B 457 -18.38 33.34 -8.08
C THR B 457 -19.65 32.94 -7.32
N ALA B 458 -20.80 33.45 -7.76
CA ALA B 458 -22.06 33.04 -7.17
C ALA B 458 -22.31 31.55 -7.39
N GLY B 459 -21.96 31.04 -8.57
CA GLY B 459 -22.07 29.61 -8.82
C GLY B 459 -21.20 28.77 -7.91
N ILE B 460 -19.96 29.21 -7.67
CA ILE B 460 -19.08 28.52 -6.73
C ILE B 460 -19.69 28.54 -5.34
N PHE B 461 -20.20 29.70 -4.92
CA PHE B 461 -20.84 29.78 -3.60
C PHE B 461 -22.01 28.81 -3.49
N GLY B 462 -22.88 28.78 -4.50
CA GLY B 462 -24.02 27.88 -4.46
C GLY B 462 -23.60 26.43 -4.42
N ALA B 463 -22.67 26.03 -5.29
CA ALA B 463 -22.22 24.64 -5.32
C ALA B 463 -21.57 24.22 -4.00
N THR B 464 -20.66 25.04 -3.47
CA THR B 464 -20.01 24.74 -2.20
C THR B 464 -20.97 24.69 -1.02
N LEU B 465 -21.86 25.68 -0.89
CA LEU B 465 -22.78 25.70 0.24
C LEU B 465 -23.90 24.68 0.09
N SER B 466 -24.13 24.14 -1.10
CA SER B 466 -25.05 23.01 -1.21
C SER B 466 -24.37 21.69 -0.87
N SER B 467 -23.19 21.44 -1.44
CA SER B 467 -22.49 20.19 -1.18
C SER B 467 -22.07 20.07 0.29
N ALA B 468 -21.54 21.15 0.87
CA ALA B 468 -21.12 21.10 2.27
C ALA B 468 -22.29 20.87 3.21
N LEU B 469 -23.41 21.55 2.95
CA LEU B 469 -24.59 21.35 3.78
C LEU B 469 -25.14 19.93 3.64
N ALA B 470 -25.17 19.41 2.42
CA ALA B 470 -25.62 18.03 2.21
C ALA B 470 -24.73 17.05 2.95
N CYS B 471 -23.41 17.23 2.86
CA CYS B 471 -22.49 16.35 3.57
C CYS B 471 -22.66 16.47 5.09
N LEU B 472 -22.87 17.69 5.58
CA LEU B 472 -23.00 17.90 7.02
C LEU B 472 -24.26 17.26 7.57
N VAL B 473 -25.37 17.36 6.84
CA VAL B 473 -26.64 16.83 7.34
C VAL B 473 -26.83 15.40 6.88
N SER B 474 -25.86 14.87 6.14
CA SER B 474 -25.79 13.44 5.86
C SER B 474 -24.95 12.69 6.87
N ALA B 475 -23.76 13.20 7.21
CA ALA B 475 -22.91 12.54 8.19
C ALA B 475 -23.60 12.47 9.55
N ALA B 476 -24.23 13.57 9.98
CA ALA B 476 -24.89 13.59 11.28
C ALA B 476 -26.05 12.61 11.34
N LYS B 477 -26.91 12.57 10.31
CA LYS B 477 -28.03 11.65 10.33
C LYS B 477 -27.59 10.20 10.24
N VAL B 478 -26.60 9.90 9.40
CA VAL B 478 -26.10 8.53 9.31
C VAL B 478 -25.49 8.10 10.64
N PHE B 479 -24.71 8.98 11.27
CA PHE B 479 -24.11 8.66 12.56
C PHE B 479 -25.18 8.47 13.63
N GLN B 480 -26.21 9.31 13.63
CA GLN B 480 -27.27 9.16 14.63
C GLN B 480 -28.02 7.85 14.45
N CYS B 481 -28.37 7.50 13.22
CA CYS B 481 -29.04 6.22 13.00
C CYS B 481 -28.14 5.06 13.38
N LEU B 482 -26.86 5.15 13.05
CA LEU B 482 -25.93 4.09 13.44
C LEU B 482 -25.84 3.95 14.96
N CYS B 483 -25.83 5.07 15.67
CA CYS B 483 -25.75 5.02 17.13
C CYS B 483 -27.06 4.58 17.77
N GLU B 484 -28.18 4.71 17.04
CA GLU B 484 -29.43 4.11 17.53
C GLU B 484 -29.28 2.60 17.67
N ASP B 485 -28.63 1.96 16.70
CA ASP B 485 -28.30 0.55 16.81
C ASP B 485 -27.11 0.38 17.74
N GLN B 486 -27.27 -0.37 18.82
CA GLN B 486 -26.19 -0.60 19.78
C GLN B 486 -25.37 -1.65 19.03
N LEU B 487 -24.44 -1.15 18.22
CA LEU B 487 -23.60 -1.99 17.38
C LEU B 487 -22.16 -1.79 17.83
N TYR B 488 -21.82 -0.64 18.37
CA TYR B 488 -20.47 -0.31 18.79
C TYR B 488 -20.49 0.21 20.21
N PRO B 489 -19.42 -0.03 20.99
CA PRO B 489 -19.48 0.25 22.43
C PRO B 489 -19.55 1.73 22.77
N LEU B 490 -18.63 2.53 22.24
CA LEU B 490 -18.46 3.91 22.65
C LEU B 490 -19.40 4.88 21.94
N ILE B 491 -19.69 4.64 20.66
CA ILE B 491 -20.55 5.57 19.93
C ILE B 491 -22.00 5.15 20.14
N GLY B 492 -22.58 5.66 21.22
CA GLY B 492 -24.00 5.54 21.51
C GLY B 492 -24.46 6.79 22.21
N PHE B 493 -23.51 7.66 22.54
CA PHE B 493 -23.83 8.92 23.18
C PHE B 493 -24.30 9.91 22.14
N PHE B 494 -23.73 9.82 20.94
CA PHE B 494 -24.08 10.75 19.87
C PHE B 494 -25.43 10.43 19.23
N GLY B 495 -26.12 9.39 19.69
CA GLY B 495 -27.41 9.03 19.14
C GLY B 495 -28.60 9.71 19.74
N LYS B 496 -28.38 10.65 20.65
CA LYS B 496 -29.48 11.37 21.27
C LYS B 496 -29.99 12.51 20.41
N GLY B 497 -31.30 12.56 20.17
CA GLY B 497 -31.87 13.67 19.45
C GLY B 497 -32.26 14.82 20.35
N TYR B 498 -32.46 15.99 19.74
CA TYR B 498 -32.83 17.19 20.47
C TYR B 498 -34.05 17.82 19.82
N GLY B 499 -34.81 18.56 20.62
CA GLY B 499 -36.00 19.22 20.11
C GLY B 499 -37.11 18.24 19.80
N LYS B 500 -38.00 18.66 18.90
CA LYS B 500 -39.12 17.83 18.47
C LYS B 500 -38.82 16.98 17.26
N ASN B 501 -37.81 17.32 16.47
CA ASN B 501 -37.43 16.55 15.29
C ASN B 501 -36.30 15.57 15.57
N LYS B 502 -35.89 15.42 16.83
CA LYS B 502 -34.83 14.50 17.25
C LYS B 502 -33.57 14.68 16.42
N GLU B 503 -33.26 15.93 16.11
CA GLU B 503 -32.09 16.25 15.31
C GLU B 503 -30.82 15.82 16.04
N PRO B 504 -29.83 15.28 15.32
CA PRO B 504 -28.60 14.83 15.99
C PRO B 504 -27.66 15.97 16.33
N VAL B 505 -27.99 16.74 17.38
CA VAL B 505 -27.15 17.86 17.76
C VAL B 505 -25.75 17.40 18.15
N ARG B 506 -25.65 16.30 18.91
CA ARG B 506 -24.34 15.76 19.26
C ARG B 506 -23.59 15.29 18.02
N GLY B 507 -24.29 14.61 17.11
CA GLY B 507 -23.66 14.24 15.85
C GLY B 507 -23.28 15.43 15.01
N TYR B 508 -24.12 16.48 15.03
CA TYR B 508 -23.80 17.70 14.32
C TYR B 508 -22.51 18.33 14.85
N LEU B 509 -22.37 18.38 16.18
CA LEU B 509 -21.15 18.91 16.78
C LEU B 509 -19.92 18.05 16.50
N LEU B 510 -20.06 16.72 16.53
CA LEU B 510 -18.91 15.88 16.18
C LEU B 510 -18.49 16.07 14.73
N ALA B 511 -19.47 16.14 13.81
CA ALA B 511 -19.15 16.38 12.41
C ALA B 511 -18.52 17.76 12.23
N TYR B 512 -19.00 18.76 12.95
CA TYR B 512 -18.42 20.09 12.91
C TYR B 512 -16.98 20.08 13.41
N ALA B 513 -16.71 19.34 14.48
CA ALA B 513 -15.35 19.26 15.01
C ALA B 513 -14.41 18.60 14.02
N ILE B 514 -14.84 17.49 13.41
CA ILE B 514 -14.01 16.83 12.40
C ILE B 514 -13.79 17.75 11.20
N ALA B 515 -14.83 18.47 10.78
CA ALA B 515 -14.71 19.38 9.66
C ALA B 515 -13.73 20.50 9.97
N VAL B 516 -13.78 21.06 11.17
CA VAL B 516 -12.83 22.10 11.56
C VAL B 516 -11.41 21.55 11.61
N ALA B 517 -11.23 20.34 12.16
CA ALA B 517 -9.90 19.76 12.22
C ALA B 517 -9.30 19.57 10.85
N PHE B 518 -10.10 19.12 9.89
CA PHE B 518 -9.58 18.95 8.53
C PHE B 518 -9.51 20.27 7.78
N ILE B 519 -10.27 21.28 8.21
CA ILE B 519 -10.18 22.62 7.67
C ILE B 519 -8.86 23.28 8.03
N ILE B 520 -8.34 23.00 9.23
CA ILE B 520 -7.06 23.57 9.65
C ILE B 520 -5.97 23.33 8.61
N ILE B 521 -6.09 22.25 7.84
CA ILE B 521 -5.16 22.02 6.73
C ILE B 521 -5.23 23.15 5.72
N ALA B 522 -6.46 23.53 5.33
CA ALA B 522 -6.71 24.68 4.46
C ALA B 522 -6.00 24.55 3.10
N GLU B 523 -6.14 23.39 2.46
CA GLU B 523 -5.55 23.18 1.14
C GLU B 523 -6.36 22.10 0.44
N LEU B 524 -6.99 22.46 -0.69
CA LEU B 524 -7.81 21.50 -1.42
C LEU B 524 -6.99 20.32 -1.92
N ASN B 525 -5.77 20.60 -2.41
CA ASN B 525 -4.93 19.55 -2.96
C ASN B 525 -4.49 18.53 -1.92
N THR B 526 -4.62 18.85 -0.63
CA THR B 526 -4.31 17.91 0.44
C THR B 526 -5.53 17.26 1.06
N ILE B 527 -6.61 18.01 1.25
CA ILE B 527 -7.84 17.44 1.78
C ILE B 527 -8.53 16.51 0.79
N ALA B 528 -8.52 16.86 -0.50
CA ALA B 528 -9.20 16.05 -1.51
C ALA B 528 -8.70 14.60 -1.57
N PRO B 529 -7.40 14.31 -1.51
CA PRO B 529 -6.97 12.90 -1.50
C PRO B 529 -7.51 12.09 -0.34
N ILE B 530 -7.73 12.70 0.82
CA ILE B 530 -8.32 12.00 1.97
C ILE B 530 -9.76 11.61 1.69
N ILE B 531 -10.53 12.56 1.13
CA ILE B 531 -11.93 12.32 0.83
C ILE B 531 -12.07 11.29 -0.29
N SER B 532 -11.20 11.35 -1.29
CA SER B 532 -11.18 10.32 -2.31
C SER B 532 -10.95 8.95 -1.71
N ASN B 533 -9.97 8.83 -0.80
CA ASN B 533 -9.69 7.56 -0.15
C ASN B 533 -10.90 7.04 0.63
N PHE B 534 -11.52 7.88 1.45
CA PHE B 534 -12.62 7.41 2.28
C PHE B 534 -13.90 7.14 1.50
N PHE B 535 -14.21 7.94 0.47
CA PHE B 535 -15.36 7.65 -0.36
C PHE B 535 -15.13 6.42 -1.24
N LEU B 536 -13.90 6.21 -1.72
CA LEU B 536 -13.60 4.97 -2.42
C LEU B 536 -13.76 3.78 -1.49
N CYS B 537 -13.34 3.91 -0.23
CA CYS B 537 -13.54 2.84 0.74
C CYS B 537 -15.02 2.57 0.96
N SER B 538 -15.82 3.62 1.10
CA SER B 538 -17.26 3.43 1.30
C SER B 538 -17.91 2.77 0.09
N TYR B 539 -17.54 3.19 -1.12
CA TYR B 539 -18.13 2.62 -2.32
C TYR B 539 -17.71 1.17 -2.51
N ALA B 540 -16.44 0.86 -2.23
CA ALA B 540 -15.97 -0.53 -2.29
C ALA B 540 -16.71 -1.38 -1.26
N LEU B 541 -16.92 -0.84 -0.06
CA LEU B 541 -17.66 -1.57 0.97
C LEU B 541 -19.08 -1.86 0.52
N ILE B 542 -19.76 -0.87 -0.06
CA ILE B 542 -21.14 -1.07 -0.51
C ILE B 542 -21.20 -2.11 -1.63
N ASN B 543 -20.28 -1.99 -2.60
CA ASN B 543 -20.28 -2.93 -3.72
C ASN B 543 -19.99 -4.35 -3.24
N PHE B 544 -19.00 -4.52 -2.37
CA PHE B 544 -18.66 -5.85 -1.90
C PHE B 544 -19.74 -6.42 -0.99
N SER B 545 -20.42 -5.56 -0.23
CA SER B 545 -21.51 -6.04 0.61
C SER B 545 -22.68 -6.52 -0.24
N CYS B 546 -22.98 -5.80 -1.33
CA CYS B 546 -24.00 -6.27 -2.25
C CYS B 546 -23.59 -7.59 -2.89
N PHE B 547 -22.33 -7.71 -3.30
CA PHE B 547 -21.85 -8.95 -3.89
C PHE B 547 -21.93 -10.10 -2.90
N HIS B 548 -21.56 -9.86 -1.64
CA HIS B 548 -21.59 -10.85 -0.58
C HIS B 548 -23.01 -11.31 -0.30
N ALA B 549 -23.96 -10.37 -0.27
CA ALA B 549 -25.35 -10.73 -0.07
C ALA B 549 -25.88 -11.55 -1.25
N SER B 550 -25.43 -11.23 -2.46
CA SER B 550 -25.91 -11.99 -3.63
C SER B 550 -25.31 -13.40 -3.67
N ILE B 551 -24.00 -13.51 -3.44
CA ILE B 551 -23.32 -14.80 -3.62
C ILE B 551 -23.73 -15.78 -2.52
N THR B 552 -23.90 -15.29 -1.29
CA THR B 552 -24.30 -16.16 -0.20
C THR B 552 -25.81 -16.39 -0.14
N ASN B 553 -26.56 -15.74 -1.02
CA ASN B 553 -28.02 -15.85 -1.05
C ASN B 553 -28.62 -15.48 0.31
N SER B 554 -28.43 -14.24 0.72
CA SER B 554 -28.90 -13.75 2.01
C SER B 554 -30.42 -13.84 2.06
N PRO B 555 -31.00 -14.16 3.22
CA PRO B 555 -32.47 -14.31 3.29
C PRO B 555 -33.23 -13.05 2.91
N GLY B 556 -32.70 -11.87 3.23
CA GLY B 556 -33.41 -10.64 2.96
C GLY B 556 -32.82 -9.82 1.83
N TRP B 557 -32.22 -10.51 0.85
CA TRP B 557 -31.61 -9.82 -0.30
C TRP B 557 -32.15 -10.35 -1.61
N ARG B 558 -33.26 -9.78 -2.07
CA ARG B 558 -33.81 -10.17 -3.36
C ARG B 558 -34.07 -8.91 -4.16
N PRO B 559 -33.00 -8.27 -4.65
CA PRO B 559 -33.15 -7.02 -5.39
C PRO B 559 -33.94 -7.22 -6.68
N SER B 560 -34.72 -6.20 -7.02
CA SER B 560 -35.53 -6.22 -8.23
C SER B 560 -34.95 -5.37 -9.36
N PHE B 561 -33.81 -4.72 -9.13
CA PHE B 561 -33.22 -3.89 -10.17
C PHE B 561 -32.71 -4.77 -11.31
N GLN B 562 -33.11 -4.40 -12.54
CA GLN B 562 -32.80 -5.24 -13.69
C GLN B 562 -31.31 -5.21 -14.04
N TYR B 563 -30.64 -4.08 -13.79
CA TYR B 563 -29.27 -3.87 -14.23
C TYR B 563 -28.26 -4.14 -13.13
N TYR B 564 -28.64 -4.85 -12.07
CA TYR B 564 -27.71 -5.21 -11.00
C TYR B 564 -27.11 -6.57 -11.29
N ASN B 565 -25.77 -6.64 -11.22
CA ASN B 565 -25.04 -7.89 -11.38
C ASN B 565 -24.02 -7.98 -10.25
N LYS B 566 -23.98 -9.13 -9.58
CA LYS B 566 -23.07 -9.27 -8.44
C LYS B 566 -21.62 -9.25 -8.89
N TRP B 567 -21.34 -9.70 -10.11
CA TRP B 567 -19.97 -9.65 -10.62
C TRP B 567 -19.57 -8.23 -10.98
N ALA B 568 -20.53 -7.42 -11.45
CA ALA B 568 -20.26 -6.00 -11.64
C ALA B 568 -19.95 -5.32 -10.32
N ALA B 569 -20.69 -5.67 -9.26
CA ALA B 569 -20.40 -5.12 -7.94
C ALA B 569 -19.04 -5.57 -7.43
N LEU B 570 -18.67 -6.83 -7.66
CA LEU B 570 -17.35 -7.31 -7.26
C LEU B 570 -16.25 -6.57 -8.01
N PHE B 571 -16.43 -6.36 -9.32
CA PHE B 571 -15.47 -5.60 -10.11
C PHE B 571 -15.34 -4.17 -9.59
N GLY B 572 -16.47 -3.54 -9.29
CA GLY B 572 -16.45 -2.20 -8.74
C GLY B 572 -15.73 -2.10 -7.41
N ALA B 573 -16.01 -3.01 -6.48
CA ALA B 573 -15.28 -3.05 -5.22
C ALA B 573 -13.78 -3.29 -5.40
N ILE B 574 -13.40 -4.23 -6.26
CA ILE B 574 -11.99 -4.51 -6.50
C ILE B 574 -11.26 -3.32 -7.08
N ILE B 575 -11.85 -2.68 -8.10
CA ILE B 575 -11.18 -1.52 -8.70
C ILE B 575 -11.17 -0.34 -7.74
N SER B 576 -12.21 -0.22 -6.91
CA SER B 576 -12.20 0.85 -5.91
C SER B 576 -11.07 0.66 -4.92
N VAL B 577 -10.85 -0.57 -4.45
CA VAL B 577 -9.75 -0.82 -3.52
C VAL B 577 -8.40 -0.61 -4.20
N VAL B 578 -8.27 -1.05 -5.46
CA VAL B 578 -7.01 -0.88 -6.18
C VAL B 578 -6.69 0.60 -6.35
N ILE B 579 -7.68 1.40 -6.75
CA ILE B 579 -7.47 2.84 -6.89
C ILE B 579 -7.18 3.48 -5.53
N MET B 580 -7.86 3.02 -4.48
CA MET B 580 -7.62 3.56 -3.15
C MET B 580 -6.17 3.35 -2.74
N PHE B 581 -5.62 2.17 -3.02
CA PHE B 581 -4.22 1.93 -2.67
C PHE B 581 -3.27 2.64 -3.64
N LEU B 582 -3.72 2.89 -4.87
CA LEU B 582 -2.86 3.56 -5.85
C LEU B 582 -2.72 5.05 -5.56
N LEU B 583 -3.79 5.70 -5.10
CA LEU B 583 -3.70 7.13 -4.77
C LEU B 583 -2.68 7.35 -3.66
N THR B 584 -2.83 6.64 -2.55
CA THR B 584 -1.82 6.58 -1.51
C THR B 584 -2.06 5.29 -0.72
N TRP B 585 -0.98 4.64 -0.30
CA TRP B 585 -1.12 3.31 0.26
C TRP B 585 -1.36 3.34 1.76
N TRP B 586 -0.81 4.33 2.47
CA TRP B 586 -0.93 4.33 3.93
C TRP B 586 -2.33 4.71 4.38
N ALA B 587 -2.94 5.71 3.73
CA ALA B 587 -4.31 6.07 4.09
C ALA B 587 -5.30 4.98 3.67
N ALA B 588 -5.04 4.33 2.53
CA ALA B 588 -5.86 3.19 2.13
C ALA B 588 -5.74 2.05 3.14
N LEU B 589 -4.53 1.79 3.62
CA LEU B 589 -4.35 0.76 4.64
C LEU B 589 -5.04 1.13 5.93
N ILE B 590 -4.99 2.41 6.32
CA ILE B 590 -5.68 2.85 7.53
C ILE B 590 -7.19 2.65 7.39
N ALA B 591 -7.75 3.04 6.24
CA ALA B 591 -9.19 2.86 6.02
C ALA B 591 -9.57 1.39 6.02
N ILE B 592 -8.77 0.55 5.36
CA ILE B 592 -9.05 -0.87 5.32
C ILE B 592 -8.94 -1.51 6.69
N GLY B 593 -7.95 -1.11 7.50
CA GLY B 593 -7.82 -1.59 8.84
C GLY B 593 -8.98 -1.18 9.74
N VAL B 594 -9.45 0.07 9.58
CA VAL B 594 -10.62 0.51 10.33
C VAL B 594 -11.84 -0.32 9.94
N VAL B 595 -12.03 -0.54 8.64
CA VAL B 595 -13.16 -1.34 8.17
C VAL B 595 -13.08 -2.76 8.73
N LEU B 596 -11.89 -3.35 8.69
CA LEU B 596 -11.70 -4.70 9.24
C LEU B 596 -11.99 -4.74 10.74
N PHE B 597 -11.51 -3.73 11.47
CA PHE B 597 -11.76 -3.68 12.91
C PHE B 597 -13.25 -3.64 13.20
N LEU B 598 -13.98 -2.75 12.51
CA LEU B 598 -15.41 -2.64 12.74
C LEU B 598 -16.13 -3.94 12.37
N LEU B 599 -15.81 -4.50 11.20
CA LEU B 599 -16.50 -5.69 10.72
C LEU B 599 -16.25 -6.88 11.65
N LEU B 600 -15.01 -7.05 12.09
CA LEU B 600 -14.70 -8.18 12.96
C LEU B 600 -15.24 -7.96 14.37
N TYR B 601 -15.30 -6.71 14.84
CA TYR B 601 -15.90 -6.44 16.13
C TYR B 601 -17.38 -6.81 16.13
N VAL B 602 -18.09 -6.43 15.07
CA VAL B 602 -19.50 -6.81 14.98
C VAL B 602 -19.63 -8.31 14.79
N ILE B 603 -18.70 -8.93 14.06
CA ILE B 603 -18.75 -10.38 13.86
C ILE B 603 -18.54 -11.10 15.18
N TYR B 604 -17.55 -10.68 15.96
CA TYR B 604 -17.28 -11.31 17.25
C TYR B 604 -18.27 -10.84 18.31
#